data_1OJP
#
_entry.id   1OJP
#
_cell.length_a   83.700
_cell.length_b   103.013
_cell.length_c   101.160
_cell.angle_alpha   90.00
_cell.angle_beta   90.00
_cell.angle_gamma   90.00
#
_symmetry.space_group_name_H-M   'P 21 21 21'
#
loop_
_entity.id
_entity.type
_entity.pdbx_description
1 polymer 'HYALURONATE LYASE'
2 branched '4-deoxy-alpha-L-threo-hex-4-enopyranuronic acid-(1-3)-2-acetamido-2-deoxy-6-O-sulfo-beta-D-galactopyranose'
3 non-polymer 'SULFATE ION'
4 water water
#
_entity_poly.entity_id   1
_entity_poly.type   'polypeptide(L)'
_entity_poly.pdbx_seq_one_letter_code
;ASVKDTYTDRLDDWNGIIAGNQYYDSKNDQMAKLNQELEGKVADSLSSISSQADRIYLWEKFSNYKTSANLTATYRKLEE
MAKQVTNPSSRYYQDETVVRTVRDSMEWMHKHVYNSEKSIVGNWWDYEIGTPRAINNTLSLMKEYFSDEEIKKYTDVIEK
FVPDPEHFRKTTDNPFKALGGNLVDMGRVKVIAGLLRKDDQEISSTIRSIEQVFKLVDQGEGFYQDGSYIDHTNVAYTGA
YGNVLIDGLSQLLPVIQKTKNPIDKDKMQTMYHWIDKSFAPLLVNGELMDMSRGRSISRANSEGHVAAVEVLRGIHRIAD
MSEGETKQRLQSLVKTIVQSDSYYDVFKNLKTYKDISLMQSLLSDAGVASVPRTSYLSAFNKMDKTAMYNAEKGFGFGLS
LFSSRTLNYEHMNKENKRGWYTSDGMFYLYNGDLSHYSDGYWPTVNPYKMPGTTETDAKRADSDTGKVLPSAFVGTSKLD
DANATATMDFTNWNQTLTAHKSWFMLKDKIAFLGSNIQNTSTDTAATTIDQRKLESSNPYKVYVNDKEASLTEQEKDYPE
TQSVFLESSDSKKNIGYFFFKKSSISMSKALQKGAWKDINEGQSDKEVENEFLTISQAHKQNGDSYGYMLIPNVDRATFN
QMIKELESSLIENNETLQSVYDAKQGVWGIVKYDDSVSTISNQFQVLKRGVYTIRKEGDEYKIAYYNPETQESAPDQEVF
KKLEQHHHHHH
;
_entity_poly.pdbx_strand_id   A
#
loop_
_chem_comp.id
_chem_comp.type
_chem_comp.name
_chem_comp.formula
GCD L-saccharide, alpha linking '4-deoxy-alpha-L-threo-hex-4-enopyranuronic acid' 'C6 H8 O6'
NG6 D-saccharide, beta linking 2-acetamido-2-deoxy-6-O-sulfo-beta-D-galactopyranose 'C8 H15 N O9 S'
SO4 non-polymer 'SULFATE ION' 'O4 S -2'
#
# COMPACT_ATOMS: atom_id res chain seq x y z
N VAL A 3 -27.82 29.19 -11.88
CA VAL A 3 -28.23 29.34 -13.27
C VAL A 3 -27.74 28.11 -14.02
N LYS A 4 -28.58 27.56 -14.89
CA LYS A 4 -28.20 26.37 -15.65
C LYS A 4 -27.36 26.73 -16.88
N ASP A 5 -26.12 26.26 -16.90
CA ASP A 5 -25.19 26.54 -18.00
C ASP A 5 -24.17 25.41 -18.14
N THR A 6 -23.10 25.64 -18.89
CA THR A 6 -22.08 24.61 -19.08
C THR A 6 -21.42 24.23 -17.76
N TYR A 7 -21.37 25.17 -16.82
CA TYR A 7 -20.77 24.88 -15.52
C TYR A 7 -21.63 23.86 -14.78
N THR A 8 -22.95 24.08 -14.79
CA THR A 8 -23.88 23.18 -14.12
C THR A 8 -23.92 21.82 -14.83
N ASP A 9 -23.65 21.84 -16.13
CA ASP A 9 -23.64 20.60 -16.92
C ASP A 9 -22.50 19.73 -16.38
N ARG A 10 -21.36 20.35 -16.16
CA ARG A 10 -20.19 19.65 -15.65
C ARG A 10 -20.44 19.17 -14.22
N LEU A 11 -21.13 19.99 -13.43
CA LEU A 11 -21.44 19.63 -12.07
C LEU A 11 -22.42 18.45 -12.05
N ASP A 12 -23.27 18.38 -13.08
CA ASP A 12 -24.20 17.26 -13.18
C ASP A 12 -23.39 15.99 -13.40
N ASP A 13 -22.38 16.07 -14.26
CA ASP A 13 -21.54 14.90 -14.52
C ASP A 13 -20.79 14.53 -13.25
N TRP A 14 -20.34 15.54 -12.50
CA TRP A 14 -19.62 15.30 -11.25
C TRP A 14 -20.52 14.60 -10.26
N ASN A 15 -21.79 15.02 -10.18
CA ASN A 15 -22.73 14.40 -9.26
C ASN A 15 -22.96 12.93 -9.62
N GLY A 16 -22.97 12.66 -10.92
CA GLY A 16 -23.17 11.29 -11.37
C GLY A 16 -21.97 10.43 -11.00
N ILE A 17 -20.83 11.08 -10.78
CA ILE A 17 -19.60 10.36 -10.44
C ILE A 17 -19.41 10.18 -8.94
N ILE A 18 -19.64 11.23 -8.16
CA ILE A 18 -19.44 11.15 -6.72
C ILE A 18 -20.57 10.49 -5.94
N ALA A 19 -21.75 10.39 -6.54
CA ALA A 19 -22.89 9.76 -5.89
C ALA A 19 -23.58 8.78 -6.82
N GLY A 20 -23.91 9.25 -8.01
CA GLY A 20 -24.55 8.40 -9.01
C GLY A 20 -26.03 8.11 -8.81
N ASN A 21 -26.77 9.04 -8.21
CA ASN A 21 -28.20 8.80 -8.00
C ASN A 21 -28.97 8.45 -9.28
N GLN A 22 -28.57 9.03 -10.40
CA GLN A 22 -29.25 8.77 -11.66
C GLN A 22 -29.14 7.32 -12.12
N TYR A 23 -28.20 6.57 -11.54
CA TYR A 23 -28.03 5.17 -11.92
C TYR A 23 -28.65 4.24 -10.89
N TYR A 24 -29.18 4.80 -9.81
CA TYR A 24 -29.77 3.97 -8.77
C TYR A 24 -30.90 3.09 -9.28
N ASP A 25 -30.94 1.87 -8.75
CA ASP A 25 -31.95 0.89 -9.10
C ASP A 25 -32.26 0.10 -7.83
N SER A 26 -33.46 0.28 -7.29
CA SER A 26 -33.86 -0.39 -6.06
C SER A 26 -33.85 -1.91 -6.18
N LYS A 27 -33.98 -2.42 -7.40
CA LYS A 27 -33.99 -3.86 -7.64
C LYS A 27 -32.57 -4.41 -7.73
N ASN A 28 -31.60 -3.52 -7.60
CA ASN A 28 -30.19 -3.89 -7.67
C ASN A 28 -29.75 -4.08 -6.21
N ASP A 29 -29.50 -5.33 -5.83
CA ASP A 29 -29.10 -5.62 -4.44
C ASP A 29 -27.87 -4.86 -3.93
N GLN A 30 -26.78 -4.85 -4.70
CA GLN A 30 -25.58 -4.15 -4.25
C GLN A 30 -25.84 -2.66 -4.05
N MET A 31 -26.56 -2.04 -4.98
CA MET A 31 -26.87 -0.62 -4.86
C MET A 31 -27.81 -0.35 -3.69
N ALA A 32 -28.82 -1.18 -3.51
CA ALA A 32 -29.77 -1.01 -2.41
C ALA A 32 -29.03 -1.06 -1.08
N LYS A 33 -27.94 -1.84 -1.05
CA LYS A 33 -27.14 -2.00 0.14
C LYS A 33 -26.40 -0.72 0.49
N LEU A 34 -25.90 -0.03 -0.53
CA LEU A 34 -25.19 1.23 -0.30
C LEU A 34 -26.20 2.31 0.11
N ASN A 35 -27.36 2.28 -0.52
CA ASN A 35 -28.43 3.23 -0.21
C ASN A 35 -28.80 3.11 1.26
N GLN A 36 -29.01 1.87 1.70
N GLN A 36 -29.03 1.88 1.71
CA GLN A 36 -29.39 1.65 3.10
CA GLN A 36 -29.38 1.59 3.07
C GLN A 36 -28.31 2.17 4.04
C GLN A 36 -28.31 2.14 4.03
N GLU A 37 -27.05 2.05 3.62
CA GLU A 37 -25.95 2.52 4.44
C GLU A 37 -26.07 4.04 4.60
N LEU A 38 -26.32 4.72 3.49
CA LEU A 38 -26.45 6.18 3.51
C LEU A 38 -27.69 6.61 4.28
N GLU A 39 -28.76 5.82 4.19
CA GLU A 39 -30.00 6.10 4.90
C GLU A 39 -29.70 6.07 6.40
N GLY A 40 -28.96 5.04 6.81
CA GLY A 40 -28.61 4.89 8.21
C GLY A 40 -27.72 6.02 8.70
N LYS A 41 -26.77 6.43 7.87
CA LYS A 41 -25.86 7.51 8.23
C LYS A 41 -26.61 8.83 8.41
N VAL A 42 -27.50 9.13 7.47
CA VAL A 42 -28.27 10.37 7.56
C VAL A 42 -29.20 10.31 8.76
N ALA A 43 -29.86 9.18 8.95
CA ALA A 43 -30.77 9.00 10.08
C ALA A 43 -30.04 9.29 11.38
N ASP A 44 -28.85 8.70 11.55
CA ASP A 44 -28.07 8.91 12.76
C ASP A 44 -27.66 10.37 12.95
N SER A 45 -27.24 11.02 11.86
CA SER A 45 -26.83 12.42 11.92
C SER A 45 -28.00 13.32 12.28
N LEU A 46 -29.17 13.02 11.73
CA LEU A 46 -30.36 13.83 11.98
C LEU A 46 -30.88 13.69 13.41
N SER A 47 -30.72 12.52 14.02
CA SER A 47 -31.21 12.30 15.36
C SER A 47 -30.23 12.71 16.46
N SER A 48 -29.04 13.13 16.07
CA SER A 48 -28.03 13.53 17.06
C SER A 48 -27.55 14.96 16.86
N ILE A 49 -28.06 15.63 15.83
CA ILE A 49 -27.66 17.00 15.58
C ILE A 49 -28.30 17.93 16.61
N SER A 50 -27.61 19.02 16.95
CA SER A 50 -28.12 19.97 17.92
C SER A 50 -29.18 20.85 17.26
N SER A 51 -30.36 20.89 17.87
CA SER A 51 -31.48 21.69 17.37
C SER A 51 -31.82 22.76 18.39
N GLN A 52 -30.86 23.04 19.26
CA GLN A 52 -30.97 24.03 20.32
C GLN A 52 -30.42 25.37 19.84
N ALA A 53 -31.03 26.46 20.27
CA ALA A 53 -30.55 27.79 19.90
C ALA A 53 -29.25 28.00 20.63
N ASP A 54 -28.34 28.76 20.02
CA ASP A 54 -27.05 29.04 20.63
C ASP A 54 -26.20 27.81 20.88
N ARG A 55 -26.29 26.84 19.96
CA ARG A 55 -25.52 25.61 20.08
C ARG A 55 -24.03 25.92 19.96
N ILE A 56 -23.20 25.10 20.57
CA ILE A 56 -21.76 25.29 20.51
C ILE A 56 -21.14 24.29 19.54
N TYR A 57 -22.00 23.47 18.94
CA TYR A 57 -21.57 22.47 17.97
C TYR A 57 -22.78 21.84 17.28
N LEU A 58 -22.54 21.18 16.16
CA LEU A 58 -23.62 20.53 15.43
C LEU A 58 -23.75 19.12 15.95
N TRP A 59 -22.62 18.45 16.10
CA TRP A 59 -22.58 17.09 16.61
C TRP A 59 -21.55 17.00 17.75
N GLU A 60 -22.04 16.63 18.92
CA GLU A 60 -21.21 16.52 20.11
C GLU A 60 -19.91 15.76 19.91
N LYS A 61 -19.95 14.69 19.14
N LYS A 61 -19.95 14.69 19.14
CA LYS A 61 -18.75 13.89 18.90
CA LYS A 61 -18.77 13.87 18.87
C LYS A 61 -17.75 14.54 17.95
C LYS A 61 -17.74 14.58 18.00
N PHE A 62 -18.13 15.70 17.40
CA PHE A 62 -17.26 16.45 16.51
C PHE A 62 -17.43 17.91 16.91
N SER A 63 -17.46 18.13 18.22
CA SER A 63 -17.65 19.43 18.82
C SER A 63 -16.41 20.33 18.94
N ASN A 64 -15.31 19.76 19.42
CA ASN A 64 -14.08 20.53 19.57
C ASN A 64 -13.50 20.89 18.22
N TYR A 65 -13.84 22.09 17.75
CA TYR A 65 -13.40 22.58 16.46
C TYR A 65 -11.95 23.04 16.39
N LYS A 66 -11.21 22.88 17.48
CA LYS A 66 -9.81 23.25 17.49
C LYS A 66 -9.08 22.04 16.90
N THR A 67 -9.82 20.94 16.80
CA THR A 67 -9.32 19.70 16.22
C THR A 67 -9.84 19.68 14.77
N SER A 68 -9.00 20.13 13.84
CA SER A 68 -9.36 20.21 12.43
C SER A 68 -10.16 19.03 11.86
N ALA A 69 -9.91 17.83 12.37
CA ALA A 69 -10.62 16.64 11.88
C ALA A 69 -12.13 16.72 12.08
N ASN A 70 -12.55 17.49 13.08
CA ASN A 70 -13.97 17.66 13.37
C ASN A 70 -14.67 18.49 12.31
N LEU A 71 -13.93 19.35 11.63
CA LEU A 71 -14.53 20.16 10.57
C LEU A 71 -14.91 19.29 9.37
N THR A 72 -13.95 18.47 8.93
CA THR A 72 -14.16 17.59 7.80
C THR A 72 -15.23 16.55 8.06
N ALA A 73 -15.25 16.02 9.28
CA ALA A 73 -16.25 15.02 9.66
C ALA A 73 -17.63 15.66 9.64
N THR A 74 -17.70 16.90 10.12
CA THR A 74 -18.97 17.62 10.15
C THR A 74 -19.52 17.84 8.75
N TYR A 75 -18.72 18.43 7.88
CA TYR A 75 -19.13 18.71 6.51
C TYR A 75 -19.46 17.46 5.70
N ARG A 76 -18.75 16.36 5.98
CA ARG A 76 -19.00 15.11 5.28
C ARG A 76 -20.39 14.58 5.63
N LYS A 77 -20.87 14.95 6.82
CA LYS A 77 -22.21 14.54 7.26
C LYS A 77 -23.25 15.28 6.42
N LEU A 78 -22.92 16.49 6.02
CA LEU A 78 -23.83 17.30 5.20
C LEU A 78 -23.84 16.77 3.76
N GLU A 79 -22.69 16.24 3.33
CA GLU A 79 -22.58 15.68 1.98
C GLU A 79 -23.45 14.44 1.88
N GLU A 80 -23.46 13.64 2.94
CA GLU A 80 -24.27 12.43 2.95
C GLU A 80 -25.74 12.81 2.82
N MET A 81 -26.13 13.88 3.51
CA MET A 81 -27.51 14.37 3.47
C MET A 81 -27.85 14.85 2.05
N ALA A 82 -26.91 15.54 1.43
CA ALA A 82 -27.11 16.07 0.09
C ALA A 82 -27.31 14.92 -0.90
N LYS A 83 -26.61 13.82 -0.66
CA LYS A 83 -26.73 12.66 -1.53
C LYS A 83 -28.12 12.04 -1.45
N GLN A 84 -28.64 11.91 -0.23
CA GLN A 84 -29.96 11.32 -0.05
C GLN A 84 -31.13 12.23 -0.42
N VAL A 85 -30.99 13.54 -0.19
N VAL A 85 -30.99 13.53 -0.19
CA VAL A 85 -32.06 14.47 -0.52
CA VAL A 85 -32.05 14.48 -0.52
C VAL A 85 -32.27 14.52 -2.02
C VAL A 85 -32.28 14.51 -2.03
N THR A 86 -31.25 14.11 -2.77
CA THR A 86 -31.33 14.12 -4.23
C THR A 86 -31.49 12.71 -4.82
N ASN A 87 -31.72 11.73 -3.96
CA ASN A 87 -31.92 10.34 -4.39
C ASN A 87 -33.41 9.99 -4.31
N PRO A 88 -34.09 9.92 -5.46
CA PRO A 88 -35.52 9.60 -5.54
C PRO A 88 -35.98 8.41 -4.72
N SER A 89 -35.08 7.46 -4.48
CA SER A 89 -35.45 6.27 -3.71
C SER A 89 -35.14 6.35 -2.23
N SER A 90 -34.59 7.48 -1.80
CA SER A 90 -34.27 7.69 -0.39
C SER A 90 -35.50 8.20 0.36
N ARG A 91 -35.62 7.83 1.63
CA ARG A 91 -36.75 8.28 2.42
C ARG A 91 -36.58 9.78 2.70
N TYR A 92 -35.39 10.30 2.40
CA TYR A 92 -35.11 11.72 2.61
C TYR A 92 -35.18 12.52 1.32
N TYR A 93 -35.65 11.89 0.26
CA TYR A 93 -35.74 12.59 -1.02
C TYR A 93 -36.57 13.86 -0.86
N GLN A 94 -35.97 15.00 -1.19
CA GLN A 94 -36.62 16.29 -1.11
C GLN A 94 -37.27 16.59 0.24
N ASP A 95 -36.74 15.97 1.30
CA ASP A 95 -37.27 16.16 2.65
C ASP A 95 -37.00 17.59 3.13
N GLU A 96 -38.07 18.31 3.44
CA GLU A 96 -37.96 19.71 3.88
C GLU A 96 -37.04 19.95 5.07
N THR A 97 -37.04 19.04 6.02
CA THR A 97 -36.17 19.21 7.19
C THR A 97 -34.71 18.98 6.81
N VAL A 98 -34.44 17.99 5.95
CA VAL A 98 -33.06 17.72 5.57
C VAL A 98 -32.51 18.86 4.70
N VAL A 99 -33.35 19.40 3.81
CA VAL A 99 -32.93 20.51 2.95
C VAL A 99 -32.57 21.72 3.81
N ARG A 100 -33.42 22.05 4.78
CA ARG A 100 -33.17 23.19 5.65
C ARG A 100 -32.00 22.91 6.59
N THR A 101 -31.84 21.66 6.99
CA THR A 101 -30.74 21.29 7.88
C THR A 101 -29.40 21.52 7.20
N VAL A 102 -29.31 21.14 5.92
CA VAL A 102 -28.06 21.34 5.18
C VAL A 102 -27.78 22.82 4.97
N ARG A 103 -28.82 23.58 4.62
CA ARG A 103 -28.67 25.01 4.41
C ARG A 103 -28.31 25.72 5.71
N ASP A 104 -29.02 25.40 6.78
CA ASP A 104 -28.74 26.04 8.07
C ASP A 104 -27.38 25.63 8.62
N SER A 105 -26.99 24.38 8.40
CA SER A 105 -25.70 23.90 8.89
C SER A 105 -24.56 24.62 8.17
N MET A 106 -24.67 24.77 6.86
CA MET A 106 -23.64 25.44 6.08
C MET A 106 -23.47 26.86 6.62
N GLU A 107 -24.58 27.52 6.91
CA GLU A 107 -24.55 28.89 7.42
C GLU A 107 -23.93 28.96 8.80
N TRP A 108 -24.33 28.06 9.69
CA TRP A 108 -23.78 28.04 11.04
C TRP A 108 -22.27 27.88 11.03
N MET A 109 -21.79 26.81 10.38
CA MET A 109 -20.35 26.56 10.29
C MET A 109 -19.63 27.75 9.67
N HIS A 110 -20.29 28.38 8.69
CA HIS A 110 -19.71 29.53 8.01
C HIS A 110 -19.55 30.74 8.93
N LYS A 111 -20.50 30.92 9.84
CA LYS A 111 -20.46 32.04 10.75
C LYS A 111 -19.61 31.82 12.00
N HIS A 112 -19.59 30.60 12.51
CA HIS A 112 -18.85 30.31 13.73
C HIS A 112 -17.66 29.37 13.69
N VAL A 113 -17.39 28.71 12.58
CA VAL A 113 -16.27 27.77 12.58
C VAL A 113 -15.30 27.77 11.40
N TYR A 114 -15.82 27.91 10.18
CA TYR A 114 -14.97 27.87 9.00
C TYR A 114 -15.28 28.96 7.98
N ASN A 115 -14.41 29.96 7.91
CA ASN A 115 -14.59 31.08 6.98
C ASN A 115 -13.26 31.77 6.65
N SER A 116 -13.31 32.70 5.70
CA SER A 116 -12.12 33.42 5.27
C SER A 116 -11.41 34.20 6.37
N GLU A 117 -12.13 34.51 7.45
CA GLU A 117 -11.54 35.26 8.55
C GLU A 117 -10.80 34.36 9.53
N LYS A 118 -10.82 33.05 9.29
CA LYS A 118 -10.16 32.09 10.17
C LYS A 118 -8.74 31.75 9.72
N SER A 119 -8.02 31.04 10.58
CA SER A 119 -6.66 30.63 10.32
C SER A 119 -6.56 29.14 10.63
N ILE A 120 -5.72 28.43 9.88
CA ILE A 120 -5.56 27.00 10.11
C ILE A 120 -5.26 26.71 11.56
N VAL A 121 -6.07 25.84 12.16
CA VAL A 121 -5.87 25.44 13.55
C VAL A 121 -5.90 23.91 13.57
N GLY A 122 -4.73 23.31 13.73
CA GLY A 122 -4.65 21.86 13.74
C GLY A 122 -4.00 21.37 12.44
N ASN A 123 -4.69 20.48 11.73
CA ASN A 123 -4.16 19.93 10.48
C ASN A 123 -4.58 20.75 9.26
N TRP A 124 -3.60 21.17 8.46
CA TRP A 124 -3.86 21.96 7.25
C TRP A 124 -4.69 21.15 6.25
N TRP A 125 -4.48 19.84 6.23
CA TRP A 125 -5.18 18.96 5.30
C TRP A 125 -6.69 19.15 5.31
N ASP A 126 -7.27 19.27 6.50
CA ASP A 126 -8.71 19.44 6.63
C ASP A 126 -9.14 20.81 6.08
N TYR A 127 -8.37 21.84 6.42
CA TYR A 127 -8.68 23.20 5.96
C TYR A 127 -8.54 23.39 4.46
N GLU A 128 -7.65 22.62 3.83
CA GLU A 128 -7.41 22.78 2.40
C GLU A 128 -7.88 21.65 1.48
N ILE A 129 -8.03 20.45 2.01
CA ILE A 129 -8.46 19.32 1.19
C ILE A 129 -9.74 18.65 1.69
N GLY A 130 -9.69 18.08 2.90
CA GLY A 130 -10.84 17.40 3.45
C GLY A 130 -12.14 18.19 3.43
N THR A 131 -12.13 19.36 4.06
CA THR A 131 -13.32 20.20 4.13
C THR A 131 -13.75 20.78 2.79
N PRO A 132 -12.82 21.41 2.05
CA PRO A 132 -13.18 21.98 0.74
C PRO A 132 -13.85 20.97 -0.19
N ARG A 133 -13.39 19.73 -0.14
CA ARG A 133 -13.98 18.68 -0.99
C ARG A 133 -15.39 18.36 -0.54
N ALA A 134 -15.60 18.31 0.78
CA ALA A 134 -16.91 18.02 1.33
C ALA A 134 -17.88 19.16 0.99
N ILE A 135 -17.39 20.40 1.08
CA ILE A 135 -18.20 21.56 0.77
C ILE A 135 -18.58 21.58 -0.72
N ASN A 136 -17.59 21.37 -1.59
CA ASN A 136 -17.85 21.36 -3.03
C ASN A 136 -18.91 20.32 -3.43
N ASN A 137 -18.75 19.11 -2.92
CA ASN A 137 -19.69 18.03 -3.23
C ASN A 137 -21.10 18.31 -2.70
N THR A 138 -21.19 18.92 -1.52
CA THR A 138 -22.48 19.24 -0.95
C THR A 138 -23.21 20.25 -1.81
N LEU A 139 -22.54 21.35 -2.14
CA LEU A 139 -23.11 22.40 -2.98
C LEU A 139 -23.41 21.88 -4.38
N SER A 140 -22.53 21.06 -4.93
CA SER A 140 -22.73 20.51 -6.26
C SER A 140 -23.97 19.62 -6.32
N LEU A 141 -24.11 18.73 -5.34
CA LEU A 141 -25.27 17.85 -5.31
C LEU A 141 -26.57 18.62 -5.11
N MET A 142 -26.54 19.61 -4.23
CA MET A 142 -27.73 20.41 -3.94
C MET A 142 -27.72 21.80 -4.56
N LYS A 143 -27.15 21.92 -5.75
CA LYS A 143 -27.08 23.22 -6.43
C LYS A 143 -28.45 23.80 -6.78
N GLU A 144 -29.48 22.97 -6.80
CA GLU A 144 -30.81 23.47 -7.13
C GLU A 144 -31.55 23.98 -5.89
N TYR A 145 -30.87 23.98 -4.75
CA TYR A 145 -31.44 24.44 -3.49
C TYR A 145 -30.64 25.63 -2.95
N PHE A 146 -29.60 26.01 -3.67
CA PHE A 146 -28.74 27.13 -3.30
C PHE A 146 -28.67 28.14 -4.43
N SER A 147 -28.51 29.42 -4.08
CA SER A 147 -28.41 30.46 -5.10
C SER A 147 -26.93 30.57 -5.45
N ASP A 148 -26.63 31.12 -6.62
CA ASP A 148 -25.24 31.28 -7.03
C ASP A 148 -24.49 32.12 -6.00
N GLU A 149 -25.15 33.13 -5.44
CA GLU A 149 -24.51 33.98 -4.44
C GLU A 149 -24.17 33.23 -3.16
N GLU A 150 -25.05 32.33 -2.77
CA GLU A 150 -24.81 31.54 -1.55
C GLU A 150 -23.65 30.60 -1.79
N ILE A 151 -23.60 30.01 -2.98
CA ILE A 151 -22.52 29.10 -3.33
C ILE A 151 -21.17 29.80 -3.31
N LYS A 152 -21.11 30.99 -3.91
N LYS A 152 -21.10 30.98 -3.92
CA LYS A 152 -19.87 31.76 -3.95
CA LYS A 152 -19.85 31.74 -3.93
C LYS A 152 -19.49 32.15 -2.52
C LYS A 152 -19.49 32.15 -2.52
N LYS A 153 -20.52 32.43 -1.71
CA LYS A 153 -20.31 32.82 -0.33
C LYS A 153 -19.65 31.69 0.45
N TYR A 154 -20.23 30.49 0.34
CA TYR A 154 -19.71 29.32 1.05
C TYR A 154 -18.42 28.72 0.49
N THR A 155 -17.96 29.21 -0.66
CA THR A 155 -16.73 28.70 -1.25
C THR A 155 -15.60 29.73 -1.19
N ASP A 156 -15.92 30.95 -0.74
CA ASP A 156 -14.90 32.00 -0.63
C ASP A 156 -13.78 31.49 0.28
N VAL A 157 -14.17 30.90 1.41
CA VAL A 157 -13.23 30.35 2.38
C VAL A 157 -12.25 29.39 1.73
N ILE A 158 -12.70 28.68 0.68
CA ILE A 158 -11.84 27.75 -0.02
C ILE A 158 -10.77 28.50 -0.80
N GLU A 159 -11.15 29.66 -1.34
CA GLU A 159 -10.22 30.49 -2.09
C GLU A 159 -9.21 31.16 -1.17
N LYS A 160 -9.62 31.40 0.08
CA LYS A 160 -8.74 32.01 1.06
C LYS A 160 -7.66 31.03 1.49
N PHE A 161 -8.04 29.78 1.71
CA PHE A 161 -7.08 28.76 2.14
C PHE A 161 -6.31 28.10 0.99
N VAL A 162 -6.90 28.09 -0.20
CA VAL A 162 -6.25 27.46 -1.34
C VAL A 162 -6.39 28.28 -2.62
N PRO A 163 -5.75 29.46 -2.66
CA PRO A 163 -5.81 30.34 -3.84
C PRO A 163 -4.85 29.92 -4.95
N ASP A 164 -3.78 29.23 -4.56
CA ASP A 164 -2.76 28.81 -5.52
C ASP A 164 -2.84 27.31 -5.83
N PRO A 165 -3.18 26.97 -7.09
CA PRO A 165 -3.32 25.59 -7.54
C PRO A 165 -2.00 24.81 -7.62
N GLU A 166 -0.87 25.48 -7.35
CA GLU A 166 0.42 24.81 -7.40
C GLU A 166 1.00 24.55 -6.02
N HIS A 167 0.44 25.20 -5.00
CA HIS A 167 0.94 25.02 -3.63
C HIS A 167 -0.17 24.81 -2.60
N PHE A 168 0.21 24.18 -1.49
CA PHE A 168 -0.68 23.94 -0.37
C PHE A 168 -0.05 24.66 0.83
N ARG A 169 -0.79 24.82 1.91
CA ARG A 169 -0.31 25.52 3.10
C ARG A 169 0.14 26.93 2.73
N LYS A 170 -0.58 27.53 1.79
CA LYS A 170 -0.28 28.87 1.30
C LYS A 170 -0.43 29.97 2.35
N THR A 171 -1.34 29.76 3.30
CA THR A 171 -1.56 30.76 4.34
C THR A 171 -0.68 30.54 5.57
N THR A 172 0.14 29.49 5.53
CA THR A 172 1.04 29.20 6.64
C THR A 172 2.40 29.83 6.38
N ASP A 173 3.35 29.54 7.27
CA ASP A 173 4.70 30.07 7.14
C ASP A 173 5.60 29.01 6.50
N ASN A 174 4.99 28.01 5.88
CA ASN A 174 5.75 26.95 5.24
C ASN A 174 4.96 26.21 4.16
N PRO A 175 4.61 26.91 3.07
CA PRO A 175 3.84 26.27 1.99
C PRO A 175 4.71 25.23 1.26
N PHE A 176 4.07 24.36 0.50
CA PHE A 176 4.83 23.34 -0.23
C PHE A 176 4.26 23.10 -1.63
N LYS A 177 5.14 22.68 -2.54
CA LYS A 177 4.80 22.41 -3.93
C LYS A 177 3.91 21.17 -4.02
N ALA A 178 2.70 21.35 -4.55
CA ALA A 178 1.75 20.24 -4.69
C ALA A 178 2.13 19.27 -5.80
N LEU A 179 2.12 17.98 -5.49
CA LEU A 179 2.45 16.93 -6.45
C LEU A 179 1.70 15.66 -6.09
N GLY A 180 1.71 14.69 -7.00
CA GLY A 180 1.06 13.41 -6.77
C GLY A 180 -0.36 13.44 -6.26
N GLY A 181 -0.65 12.63 -5.25
CA GLY A 181 -1.98 12.57 -4.68
C GLY A 181 -2.54 13.92 -4.28
N ASN A 182 -1.74 14.70 -3.57
CA ASN A 182 -2.16 16.03 -3.14
C ASN A 182 -2.52 16.90 -4.33
N LEU A 183 -1.72 16.82 -5.39
CA LEU A 183 -1.99 17.62 -6.58
C LEU A 183 -3.31 17.22 -7.23
N VAL A 184 -3.69 15.95 -7.11
CA VAL A 184 -4.96 15.49 -7.68
C VAL A 184 -6.07 16.07 -6.81
N ASP A 185 -5.90 16.01 -5.49
CA ASP A 185 -6.90 16.55 -4.58
C ASP A 185 -7.05 18.05 -4.81
N MET A 186 -5.97 18.68 -5.29
CA MET A 186 -6.00 20.11 -5.60
C MET A 186 -7.02 20.33 -6.71
N GLY A 187 -7.16 19.32 -7.56
CA GLY A 187 -8.11 19.39 -8.65
C GLY A 187 -9.53 19.19 -8.14
N ARG A 188 -9.69 18.25 -7.22
CA ARG A 188 -11.01 17.98 -6.65
C ARG A 188 -11.45 19.13 -5.75
N VAL A 189 -10.55 20.08 -5.54
CA VAL A 189 -10.84 21.25 -4.73
C VAL A 189 -11.10 22.45 -5.64
N LYS A 190 -10.07 22.89 -6.36
CA LYS A 190 -10.20 24.04 -7.23
C LYS A 190 -10.93 23.86 -8.56
N VAL A 191 -10.94 22.65 -9.13
CA VAL A 191 -11.68 22.47 -10.38
C VAL A 191 -13.18 22.52 -10.08
N ILE A 192 -13.59 21.83 -9.02
CA ILE A 192 -15.00 21.80 -8.64
C ILE A 192 -15.45 23.16 -8.10
N ALA A 193 -14.63 23.77 -7.25
CA ALA A 193 -14.97 25.08 -6.70
C ALA A 193 -15.05 26.03 -7.89
N GLY A 194 -14.13 25.86 -8.83
CA GLY A 194 -14.10 26.70 -10.02
C GLY A 194 -15.39 26.59 -10.81
N LEU A 195 -15.92 25.38 -10.90
CA LEU A 195 -17.18 25.16 -11.63
C LEU A 195 -18.34 25.78 -10.85
N LEU A 196 -18.30 25.62 -9.53
CA LEU A 196 -19.34 26.16 -8.67
C LEU A 196 -19.34 27.69 -8.69
N ARG A 197 -18.15 28.27 -8.81
CA ARG A 197 -18.01 29.72 -8.82
C ARG A 197 -18.01 30.28 -10.25
N LYS A 198 -18.14 29.40 -11.23
CA LYS A 198 -18.16 29.80 -12.63
C LYS A 198 -16.93 30.66 -12.93
N ASP A 199 -15.77 30.20 -12.46
CA ASP A 199 -14.51 30.91 -12.62
C ASP A 199 -13.61 30.20 -13.64
N ASP A 200 -13.62 30.65 -14.89
CA ASP A 200 -12.81 30.03 -15.93
C ASP A 200 -11.31 30.02 -15.63
N GLN A 201 -10.81 31.11 -15.08
CA GLN A 201 -9.39 31.21 -14.78
C GLN A 201 -8.98 30.15 -13.76
N GLU A 202 -9.79 29.97 -12.73
CA GLU A 202 -9.50 28.98 -11.69
C GLU A 202 -9.48 27.58 -12.30
N ILE A 203 -10.44 27.30 -13.19
CA ILE A 203 -10.52 26.00 -13.83
C ILE A 203 -9.31 25.73 -14.73
N SER A 204 -9.01 26.67 -15.61
CA SER A 204 -7.89 26.53 -16.54
C SER A 204 -6.56 26.39 -15.81
N SER A 205 -6.30 27.30 -14.86
CA SER A 205 -5.05 27.26 -14.11
C SER A 205 -4.90 25.98 -13.29
N THR A 206 -6.01 25.48 -12.75
CA THR A 206 -5.94 24.26 -11.94
C THR A 206 -5.65 23.05 -12.82
N ILE A 207 -6.30 22.98 -13.98
CA ILE A 207 -6.08 21.86 -14.89
C ILE A 207 -4.64 21.87 -15.39
N ARG A 208 -4.12 23.07 -15.67
CA ARG A 208 -2.75 23.21 -16.13
C ARG A 208 -1.82 22.67 -15.06
N SER A 209 -2.08 23.03 -13.81
CA SER A 209 -1.25 22.59 -12.69
C SER A 209 -1.31 21.07 -12.54
N ILE A 210 -2.50 20.50 -12.72
CA ILE A 210 -2.70 19.07 -12.59
C ILE A 210 -1.86 18.26 -13.59
N GLU A 211 -1.66 18.80 -14.79
CA GLU A 211 -0.91 18.10 -15.81
C GLU A 211 0.50 17.67 -15.41
N GLN A 212 1.06 18.32 -14.39
CA GLN A 212 2.41 17.96 -13.93
C GLN A 212 2.43 16.51 -13.48
N VAL A 213 1.28 16.03 -13.00
CA VAL A 213 1.17 14.67 -12.48
C VAL A 213 1.54 13.58 -13.48
N PHE A 214 1.41 13.88 -14.76
CA PHE A 214 1.69 12.91 -15.82
C PHE A 214 3.16 12.72 -16.17
N LYS A 215 4.03 13.54 -15.58
CA LYS A 215 5.46 13.42 -15.87
C LYS A 215 6.15 12.47 -14.92
N LEU A 216 6.89 11.51 -15.46
CA LEU A 216 7.64 10.59 -14.61
C LEU A 216 8.86 11.36 -14.13
N VAL A 217 9.33 11.03 -12.93
CA VAL A 217 10.48 11.73 -12.37
C VAL A 217 11.69 10.81 -12.21
N ASP A 218 12.84 11.40 -11.91
CA ASP A 218 14.06 10.62 -11.70
C ASP A 218 14.64 11.00 -10.35
N GLN A 219 13.87 11.77 -9.59
CA GLN A 219 14.26 12.21 -8.27
C GLN A 219 13.05 12.90 -7.64
N GLY A 220 12.96 12.87 -6.32
CA GLY A 220 11.85 13.51 -5.65
C GLY A 220 10.58 12.68 -5.61
N GLU A 221 9.45 13.35 -5.39
CA GLU A 221 8.17 12.68 -5.31
C GLU A 221 7.58 12.45 -6.69
N GLY A 222 6.85 11.35 -6.84
CA GLY A 222 6.23 11.04 -8.12
C GLY A 222 6.49 9.62 -8.57
N PHE A 223 6.11 9.31 -9.80
CA PHE A 223 6.29 7.98 -10.38
C PHE A 223 7.63 7.90 -11.09
N TYR A 224 8.31 6.77 -10.94
CA TYR A 224 9.60 6.58 -11.60
C TYR A 224 9.43 5.58 -12.73
N GLN A 225 10.41 5.56 -13.63
CA GLN A 225 10.38 4.64 -14.77
C GLN A 225 10.33 3.18 -14.35
N ASP A 226 10.91 2.87 -13.20
CA ASP A 226 10.92 1.48 -12.75
C ASP A 226 9.67 1.10 -11.99
N GLY A 227 8.70 2.02 -11.95
CA GLY A 227 7.45 1.75 -11.27
C GLY A 227 7.32 2.28 -9.86
N SER A 228 8.43 2.63 -9.24
CA SER A 228 8.39 3.14 -7.88
C SER A 228 7.57 4.41 -7.81
N TYR A 229 7.05 4.70 -6.61
CA TYR A 229 6.29 5.92 -6.36
C TYR A 229 6.72 6.46 -5.01
N ILE A 230 7.26 7.67 -5.03
CA ILE A 230 7.74 8.31 -3.81
C ILE A 230 6.86 9.49 -3.42
N ASP A 231 6.64 9.65 -2.13
CA ASP A 231 5.88 10.80 -1.63
C ASP A 231 6.47 11.19 -0.29
N HIS A 232 6.09 12.36 0.19
CA HIS A 232 6.63 12.83 1.47
C HIS A 232 8.16 12.80 1.47
N THR A 233 8.73 13.38 0.41
CA THR A 233 10.17 13.49 0.23
C THR A 233 10.89 12.22 -0.19
N ASN A 234 10.80 11.16 0.64
CA ASN A 234 11.51 9.92 0.33
C ASN A 234 10.84 8.65 0.85
N VAL A 235 9.51 8.60 0.85
CA VAL A 235 8.80 7.42 1.34
C VAL A 235 8.09 6.63 0.25
N ALA A 236 8.34 5.32 0.20
CA ALA A 236 7.67 4.45 -0.78
C ALA A 236 6.18 4.59 -0.44
N TYR A 237 5.39 5.07 -1.39
CA TYR A 237 3.97 5.31 -1.10
C TYR A 237 2.94 5.02 -2.17
N THR A 238 3.24 4.08 -3.05
CA THR A 238 2.31 3.71 -4.12
C THR A 238 0.93 3.35 -3.58
N GLY A 239 0.91 2.61 -2.47
CA GLY A 239 -0.32 2.12 -1.87
C GLY A 239 -1.20 3.00 -1.00
N ALA A 240 -0.87 4.29 -0.87
CA ALA A 240 -1.69 5.19 -0.08
C ALA A 240 -1.86 6.49 -0.86
N TYR A 241 -0.79 7.26 -1.02
CA TYR A 241 -0.88 8.50 -1.78
C TYR A 241 -1.04 8.19 -3.27
N GLY A 242 -0.47 7.06 -3.70
CA GLY A 242 -0.63 6.67 -5.08
C GLY A 242 -2.10 6.34 -5.30
N ASN A 243 -2.73 5.74 -4.28
CA ASN A 243 -4.15 5.40 -4.36
C ASN A 243 -4.97 6.65 -4.59
N VAL A 244 -4.75 7.65 -3.75
CA VAL A 244 -5.48 8.92 -3.84
C VAL A 244 -5.32 9.52 -5.22
N LEU A 245 -4.11 9.44 -5.76
CA LEU A 245 -3.82 9.98 -7.08
C LEU A 245 -4.68 9.35 -8.17
N ILE A 246 -4.62 8.02 -8.32
CA ILE A 246 -5.42 7.37 -9.37
C ILE A 246 -6.92 7.38 -9.07
N ASP A 247 -7.26 7.21 -7.80
CA ASP A 247 -8.66 7.19 -7.39
C ASP A 247 -9.30 8.56 -7.66
N GLY A 248 -8.64 9.62 -7.22
CA GLY A 248 -9.17 10.96 -7.42
C GLY A 248 -9.11 11.44 -8.86
N LEU A 249 -8.04 11.10 -9.57
CA LEU A 249 -7.89 11.53 -10.96
C LEU A 249 -8.88 10.86 -11.89
N SER A 250 -9.20 9.59 -11.63
CA SER A 250 -10.15 8.88 -12.47
C SER A 250 -11.54 9.50 -12.35
N GLN A 251 -11.83 10.10 -11.19
CA GLN A 251 -13.12 10.77 -10.98
C GLN A 251 -13.18 12.09 -11.76
N LEU A 252 -12.10 12.86 -11.67
CA LEU A 252 -12.01 14.17 -12.32
C LEU A 252 -11.93 14.18 -13.84
N LEU A 253 -11.15 13.28 -14.42
CA LEU A 253 -10.97 13.25 -15.86
C LEU A 253 -12.20 13.37 -16.73
N PRO A 254 -13.27 12.63 -16.43
CA PRO A 254 -14.47 12.73 -17.27
C PRO A 254 -15.01 14.16 -17.31
N VAL A 255 -14.85 14.87 -16.19
CA VAL A 255 -15.32 16.24 -16.11
C VAL A 255 -14.35 17.20 -16.80
N ILE A 256 -13.06 17.05 -16.50
CA ILE A 256 -12.02 17.89 -17.08
C ILE A 256 -12.00 17.84 -18.61
N GLN A 257 -12.18 16.65 -19.17
CA GLN A 257 -12.15 16.46 -20.61
C GLN A 257 -13.33 17.08 -21.35
N LYS A 258 -14.29 17.60 -20.59
CA LYS A 258 -15.46 18.23 -21.20
C LYS A 258 -15.48 19.74 -20.99
N THR A 259 -14.45 20.26 -20.34
CA THR A 259 -14.35 21.69 -20.10
C THR A 259 -13.67 22.31 -21.32
N LYS A 260 -13.42 23.61 -21.25
CA LYS A 260 -12.75 24.30 -22.35
C LYS A 260 -11.24 24.11 -22.28
N ASN A 261 -10.78 23.32 -21.32
CA ASN A 261 -9.35 23.08 -21.15
C ASN A 261 -9.02 21.59 -21.05
N PRO A 262 -9.49 20.78 -22.00
CA PRO A 262 -9.19 19.34 -21.92
C PRO A 262 -7.70 19.03 -21.97
N ILE A 263 -7.31 17.92 -21.37
CA ILE A 263 -5.90 17.51 -21.32
C ILE A 263 -5.53 16.68 -22.54
N ASP A 264 -4.38 16.99 -23.14
CA ASP A 264 -3.90 16.26 -24.31
C ASP A 264 -3.88 14.76 -24.02
N LYS A 265 -4.24 13.96 -25.01
N LYS A 265 -4.24 13.97 -25.02
CA LYS A 265 -4.27 12.51 -24.85
CA LYS A 265 -4.28 12.52 -24.88
C LYS A 265 -2.90 11.93 -24.63
C LYS A 265 -2.88 11.93 -24.61
N ASP A 266 -1.90 12.44 -25.35
CA ASP A 266 -0.53 11.95 -25.20
C ASP A 266 0.04 12.23 -23.82
N LYS A 267 -0.50 13.23 -23.13
CA LYS A 267 -0.02 13.56 -21.80
C LYS A 267 -0.55 12.58 -20.76
N MET A 268 -1.77 12.11 -20.97
CA MET A 268 -2.41 11.18 -20.04
C MET A 268 -1.95 9.75 -20.27
N GLN A 269 -1.19 9.54 -21.34
CA GLN A 269 -0.69 8.21 -21.68
C GLN A 269 0.11 7.53 -20.56
N THR A 270 0.73 8.32 -19.69
CA THR A 270 1.51 7.75 -18.60
C THR A 270 0.64 7.00 -17.61
N MET A 271 -0.64 7.35 -17.53
CA MET A 271 -1.56 6.69 -16.62
C MET A 271 -1.50 5.17 -16.75
N TYR A 272 -1.46 4.71 -17.99
CA TYR A 272 -1.40 3.29 -18.29
C TYR A 272 -0.09 2.70 -17.80
N HIS A 273 0.94 3.53 -17.72
CA HIS A 273 2.23 3.06 -17.25
C HIS A 273 2.14 2.85 -15.74
N TRP A 274 1.46 3.74 -15.05
CA TRP A 274 1.31 3.61 -13.59
C TRP A 274 0.61 2.29 -13.29
N ILE A 275 -0.52 2.08 -13.95
CA ILE A 275 -1.31 0.88 -13.74
C ILE A 275 -0.51 -0.40 -13.93
N ASP A 276 0.14 -0.56 -15.08
CA ASP A 276 0.90 -1.77 -15.35
C ASP A 276 2.23 -1.91 -14.61
N LYS A 277 2.96 -0.81 -14.52
CA LYS A 277 4.27 -0.84 -13.89
C LYS A 277 4.28 -0.61 -12.38
N SER A 278 3.42 0.29 -11.89
CA SER A 278 3.38 0.64 -10.47
C SER A 278 2.35 -0.05 -9.55
N PHE A 279 1.10 -0.10 -10.01
CA PHE A 279 0.03 -0.66 -9.21
C PHE A 279 -0.18 -2.17 -9.30
N ALA A 280 -0.34 -2.68 -10.51
CA ALA A 280 -0.59 -4.11 -10.71
C ALA A 280 0.34 -5.06 -9.92
N PRO A 281 1.66 -4.82 -9.95
CA PRO A 281 2.54 -5.73 -9.21
C PRO A 281 2.27 -5.81 -7.71
N LEU A 282 1.76 -4.74 -7.13
CA LEU A 282 1.49 -4.69 -5.69
C LEU A 282 0.15 -5.32 -5.30
N LEU A 283 -0.58 -5.84 -6.29
CA LEU A 283 -1.87 -6.46 -6.03
C LEU A 283 -1.82 -7.97 -6.13
N VAL A 284 -2.06 -8.65 -5.01
CA VAL A 284 -2.03 -10.11 -4.98
C VAL A 284 -3.30 -10.64 -4.34
N ASN A 285 -4.05 -11.43 -5.10
CA ASN A 285 -5.30 -12.00 -4.65
C ASN A 285 -6.24 -10.95 -4.06
N GLY A 286 -6.29 -9.79 -4.70
CA GLY A 286 -7.16 -8.71 -4.24
C GLY A 286 -6.59 -7.85 -3.13
N GLU A 287 -5.35 -8.12 -2.73
CA GLU A 287 -4.72 -7.38 -1.65
C GLU A 287 -3.61 -6.43 -2.10
N LEU A 288 -3.64 -5.20 -1.60
CA LEU A 288 -2.61 -4.19 -1.94
C LEU A 288 -1.52 -4.33 -0.89
N MET A 289 -0.32 -4.70 -1.34
CA MET A 289 0.82 -4.91 -0.45
C MET A 289 1.07 -3.76 0.54
N ASP A 290 1.04 -4.10 1.84
CA ASP A 290 1.24 -3.15 2.93
C ASP A 290 2.56 -2.40 2.92
N MET A 291 3.59 -2.98 2.31
CA MET A 291 4.89 -2.30 2.28
C MET A 291 4.83 -1.03 1.45
N SER A 292 3.74 -0.85 0.71
CA SER A 292 3.60 0.35 -0.12
C SER A 292 2.56 1.32 0.41
N ARG A 293 1.98 1.01 1.57
CA ARG A 293 0.91 1.85 2.10
C ARG A 293 1.29 2.78 3.25
N GLY A 294 2.58 2.87 3.53
CA GLY A 294 3.02 3.76 4.58
C GLY A 294 2.29 3.63 5.89
N ARG A 295 1.92 4.75 6.51
CA ARG A 295 1.25 4.73 7.80
C ARG A 295 -0.20 4.25 7.78
N SER A 296 -0.77 4.08 6.58
CA SER A 296 -2.15 3.63 6.43
C SER A 296 -2.40 2.21 6.93
N ILE A 297 -1.32 1.46 7.17
CA ILE A 297 -1.46 0.10 7.66
C ILE A 297 -2.00 0.11 9.08
N SER A 298 -1.89 1.25 9.75
CA SER A 298 -2.36 1.36 11.13
C SER A 298 -3.82 1.80 11.23
N ARG A 299 -4.52 1.79 10.10
CA ARG A 299 -5.93 2.17 10.07
C ARG A 299 -6.79 0.92 9.94
N ALA A 300 -7.65 0.69 10.93
CA ALA A 300 -8.52 -0.49 10.96
C ALA A 300 -9.45 -0.64 9.76
N ASN A 301 -9.94 0.47 9.22
CA ASN A 301 -10.85 0.43 8.09
C ASN A 301 -10.14 0.42 6.74
N SER A 302 -8.82 0.28 6.76
CA SER A 302 -8.07 0.30 5.51
C SER A 302 -7.08 -0.85 5.37
N GLU A 303 -7.49 -2.05 5.74
CA GLU A 303 -6.58 -3.17 5.60
C GLU A 303 -6.38 -3.46 4.11
N GLY A 304 -5.36 -4.25 3.82
CA GLY A 304 -4.99 -4.59 2.45
C GLY A 304 -6.01 -4.74 1.34
N HIS A 305 -7.01 -5.59 1.55
CA HIS A 305 -8.03 -5.80 0.54
C HIS A 305 -8.94 -4.59 0.36
N VAL A 306 -9.17 -3.84 1.44
CA VAL A 306 -10.01 -2.65 1.38
C VAL A 306 -9.28 -1.59 0.55
N ALA A 307 -8.01 -1.34 0.91
CA ALA A 307 -7.19 -0.37 0.23
C ALA A 307 -7.07 -0.68 -1.26
N ALA A 308 -6.98 -1.95 -1.60
CA ALA A 308 -6.87 -2.37 -2.99
C ALA A 308 -8.02 -1.86 -3.84
N VAL A 309 -9.21 -1.81 -3.27
CA VAL A 309 -10.38 -1.36 -4.02
C VAL A 309 -10.27 0.09 -4.51
N GLU A 310 -9.52 0.92 -3.80
CA GLU A 310 -9.36 2.30 -4.21
C GLU A 310 -8.62 2.31 -5.55
N VAL A 311 -7.65 1.42 -5.68
CA VAL A 311 -6.88 1.33 -6.91
C VAL A 311 -7.71 0.67 -8.00
N LEU A 312 -8.37 -0.43 -7.65
CA LEU A 312 -9.20 -1.15 -8.62
C LEU A 312 -10.32 -0.28 -9.21
N ARG A 313 -11.00 0.49 -8.36
CA ARG A 313 -12.09 1.34 -8.86
C ARG A 313 -11.53 2.47 -9.74
N GLY A 314 -10.32 2.91 -9.43
CA GLY A 314 -9.69 3.94 -10.24
C GLY A 314 -9.38 3.35 -11.60
N ILE A 315 -8.82 2.15 -11.60
CA ILE A 315 -8.47 1.47 -12.84
C ILE A 315 -9.71 1.26 -13.68
N HIS A 316 -10.79 0.81 -13.04
CA HIS A 316 -12.03 0.55 -13.75
C HIS A 316 -12.61 1.80 -14.41
N ARG A 317 -12.47 2.94 -13.77
CA ARG A 317 -12.97 4.19 -14.32
C ARG A 317 -12.14 4.56 -15.53
N ILE A 318 -10.84 4.36 -15.43
CA ILE A 318 -9.94 4.67 -16.53
C ILE A 318 -10.24 3.77 -17.72
N ALA A 319 -10.58 2.51 -17.43
CA ALA A 319 -10.93 1.56 -18.48
C ALA A 319 -12.19 2.06 -19.18
N ASP A 320 -13.14 2.56 -18.39
CA ASP A 320 -14.40 3.06 -18.92
C ASP A 320 -14.27 4.26 -19.84
N MET A 321 -13.24 5.08 -19.65
CA MET A 321 -13.05 6.23 -20.51
C MET A 321 -12.03 5.94 -21.62
N SER A 322 -11.53 4.70 -21.62
CA SER A 322 -10.57 4.27 -22.63
C SER A 322 -11.33 3.61 -23.77
N GLU A 323 -10.62 3.09 -24.75
CA GLU A 323 -11.30 2.46 -25.88
C GLU A 323 -10.59 1.20 -26.40
N GLY A 324 -11.37 0.34 -27.04
CA GLY A 324 -10.84 -0.88 -27.63
C GLY A 324 -10.01 -1.82 -26.76
N GLU A 325 -8.84 -2.16 -27.27
CA GLU A 325 -7.91 -3.08 -26.61
C GLU A 325 -7.46 -2.56 -25.24
N THR A 326 -7.15 -1.27 -25.16
CA THR A 326 -6.72 -0.67 -23.91
C THR A 326 -7.82 -0.88 -22.87
N LYS A 327 -9.05 -0.57 -23.26
CA LYS A 327 -10.20 -0.72 -22.38
C LYS A 327 -10.40 -2.19 -22.02
N GLN A 328 -10.34 -3.04 -23.03
CA GLN A 328 -10.53 -4.47 -22.86
C GLN A 328 -9.56 -5.09 -21.86
N ARG A 329 -8.28 -4.77 -21.99
CA ARG A 329 -7.29 -5.33 -21.09
C ARG A 329 -7.38 -4.80 -19.66
N LEU A 330 -7.74 -3.53 -19.49
CA LEU A 330 -7.85 -2.99 -18.15
C LEU A 330 -9.03 -3.64 -17.45
N GLN A 331 -10.11 -3.87 -18.20
CA GLN A 331 -11.29 -4.54 -17.66
C GLN A 331 -10.90 -5.94 -17.18
N SER A 332 -10.11 -6.63 -18.01
CA SER A 332 -9.65 -7.97 -17.70
C SER A 332 -8.79 -7.98 -16.45
N LEU A 333 -7.94 -6.97 -16.30
CA LEU A 333 -7.07 -6.86 -15.15
C LEU A 333 -7.91 -6.72 -13.87
N VAL A 334 -8.89 -5.83 -13.90
CA VAL A 334 -9.75 -5.62 -12.74
C VAL A 334 -10.54 -6.88 -12.46
N LYS A 335 -11.10 -7.47 -13.51
CA LYS A 335 -11.91 -8.67 -13.36
C LYS A 335 -11.18 -9.85 -12.72
N THR A 336 -10.01 -10.17 -13.24
CA THR A 336 -9.23 -11.29 -12.73
C THR A 336 -8.79 -11.08 -11.28
N ILE A 337 -8.39 -9.87 -10.94
CA ILE A 337 -7.98 -9.58 -9.56
C ILE A 337 -9.17 -9.76 -8.61
N VAL A 338 -10.30 -9.13 -8.94
CA VAL A 338 -11.48 -9.23 -8.10
C VAL A 338 -11.97 -10.67 -7.92
N GLN A 339 -12.02 -11.44 -9.01
CA GLN A 339 -12.49 -12.81 -8.91
C GLN A 339 -11.50 -13.74 -8.19
N SER A 340 -10.25 -13.31 -8.05
CA SER A 340 -9.26 -14.13 -7.37
C SER A 340 -9.36 -13.88 -5.87
N ASP A 341 -10.14 -12.86 -5.49
CA ASP A 341 -10.28 -12.53 -4.07
C ASP A 341 -11.48 -13.21 -3.44
N SER A 342 -11.22 -14.35 -2.78
CA SER A 342 -12.27 -15.12 -2.12
C SER A 342 -12.47 -14.68 -0.67
N TYR A 343 -11.71 -13.67 -0.25
CA TYR A 343 -11.77 -13.17 1.11
C TYR A 343 -12.58 -11.89 1.30
N TYR A 344 -12.34 -10.91 0.43
CA TYR A 344 -13.03 -9.62 0.56
C TYR A 344 -14.02 -9.38 -0.57
N ASP A 345 -15.19 -8.85 -0.23
CA ASP A 345 -16.22 -8.53 -1.21
C ASP A 345 -15.93 -7.13 -1.74
N VAL A 346 -15.46 -7.05 -2.99
CA VAL A 346 -15.12 -5.76 -3.58
C VAL A 346 -16.19 -4.68 -3.41
N PHE A 347 -17.46 -5.07 -3.46
CA PHE A 347 -18.54 -4.12 -3.31
C PHE A 347 -18.54 -3.37 -1.98
N LYS A 348 -17.89 -3.93 -0.96
CA LYS A 348 -17.85 -3.26 0.33
C LYS A 348 -17.08 -1.94 0.27
N ASN A 349 -16.34 -1.71 -0.81
CA ASN A 349 -15.62 -0.46 -0.92
C ASN A 349 -15.85 0.24 -2.27
N LEU A 350 -17.04 0.02 -2.83
CA LEU A 350 -17.46 0.70 -4.04
C LEU A 350 -18.58 1.57 -3.46
N LYS A 351 -18.25 2.85 -3.23
CA LYS A 351 -19.15 3.79 -2.57
C LYS A 351 -20.02 4.74 -3.39
N THR A 352 -20.23 4.43 -4.66
CA THR A 352 -21.09 5.25 -5.51
C THR A 352 -21.80 4.26 -6.43
N TYR A 353 -22.99 4.62 -6.90
CA TYR A 353 -23.75 3.70 -7.76
C TYR A 353 -23.10 3.45 -9.11
N LYS A 354 -22.38 4.44 -9.65
CA LYS A 354 -21.73 4.22 -10.93
C LYS A 354 -20.60 3.19 -10.76
N ASP A 355 -19.88 3.29 -9.65
CA ASP A 355 -18.79 2.34 -9.39
C ASP A 355 -19.33 0.93 -9.22
N ILE A 356 -20.48 0.80 -8.57
CA ILE A 356 -21.10 -0.50 -8.39
C ILE A 356 -21.55 -1.02 -9.76
N SER A 357 -22.22 -0.15 -10.51
CA SER A 357 -22.70 -0.51 -11.84
C SER A 357 -21.56 -0.98 -12.76
N LEU A 358 -20.47 -0.23 -12.79
CA LEU A 358 -19.33 -0.61 -13.62
C LEU A 358 -18.80 -1.99 -13.25
N MET A 359 -18.61 -2.23 -11.95
CA MET A 359 -18.09 -3.51 -11.48
C MET A 359 -19.02 -4.68 -11.80
N GLN A 360 -20.33 -4.44 -11.73
CA GLN A 360 -21.28 -5.50 -12.04
C GLN A 360 -21.26 -5.87 -13.52
N SER A 361 -21.27 -4.88 -14.41
CA SER A 361 -21.26 -5.17 -15.84
C SER A 361 -19.96 -5.86 -16.24
N LEU A 362 -18.85 -5.44 -15.63
CA LEU A 362 -17.55 -6.05 -15.91
C LEU A 362 -17.54 -7.53 -15.53
N LEU A 363 -17.99 -7.83 -14.31
CA LEU A 363 -18.01 -9.19 -13.82
C LEU A 363 -18.96 -10.13 -14.54
N SER A 364 -20.04 -9.60 -15.11
CA SER A 364 -21.01 -10.45 -15.80
C SER A 364 -20.82 -10.48 -17.30
N ASP A 365 -19.94 -9.62 -17.82
CA ASP A 365 -19.70 -9.57 -19.25
C ASP A 365 -18.77 -10.70 -19.68
N ALA A 366 -19.31 -11.70 -20.37
CA ALA A 366 -18.52 -12.84 -20.82
C ALA A 366 -17.45 -12.41 -21.82
N GLY A 367 -17.66 -11.26 -22.46
CA GLY A 367 -16.70 -10.77 -23.43
C GLY A 367 -15.39 -10.31 -22.81
N VAL A 368 -15.40 -10.10 -21.50
CA VAL A 368 -14.20 -9.67 -20.78
C VAL A 368 -13.52 -10.88 -20.17
N ALA A 369 -12.30 -11.15 -20.64
CA ALA A 369 -11.53 -12.29 -20.15
C ALA A 369 -11.10 -12.15 -18.70
N SER A 370 -11.16 -13.27 -17.98
CA SER A 370 -10.74 -13.32 -16.59
C SER A 370 -9.84 -14.54 -16.50
N VAL A 371 -8.55 -14.32 -16.76
CA VAL A 371 -7.56 -15.38 -16.74
C VAL A 371 -6.57 -15.12 -15.60
N PRO A 372 -6.20 -16.17 -14.84
CA PRO A 372 -5.25 -15.99 -13.73
C PRO A 372 -4.00 -15.22 -14.20
N ARG A 373 -3.57 -14.25 -13.42
CA ARG A 373 -2.39 -13.48 -13.79
C ARG A 373 -1.14 -14.35 -13.82
N THR A 374 -0.26 -14.05 -14.76
CA THR A 374 0.98 -14.80 -14.94
C THR A 374 2.04 -14.34 -13.93
N SER A 375 3.17 -15.04 -13.89
CA SER A 375 4.25 -14.71 -12.95
C SER A 375 4.94 -13.39 -13.28
N TYR A 376 5.45 -12.73 -12.25
CA TYR A 376 6.16 -11.47 -12.43
C TYR A 376 7.02 -11.16 -11.22
N LEU A 377 8.00 -10.28 -11.43
CA LEU A 377 8.89 -9.85 -10.37
C LEU A 377 9.31 -8.43 -10.68
N SER A 378 8.90 -7.50 -9.83
CA SER A 378 9.22 -6.09 -10.02
C SER A 378 10.26 -5.61 -9.01
N ALA A 379 11.37 -5.09 -9.52
CA ALA A 379 12.41 -4.56 -8.66
C ALA A 379 12.20 -3.05 -8.62
N PHE A 380 11.49 -2.57 -7.60
CA PHE A 380 11.22 -1.15 -7.44
C PHE A 380 12.42 -0.56 -6.71
N ASN A 381 13.55 -0.51 -7.39
CA ASN A 381 14.77 -0.01 -6.80
C ASN A 381 14.73 1.44 -6.34
N LYS A 382 13.96 2.27 -7.04
N LYS A 382 13.97 2.27 -7.04
CA LYS A 382 13.87 3.68 -6.69
CA LYS A 382 13.86 3.68 -6.69
C LYS A 382 13.11 3.93 -5.39
C LYS A 382 13.10 3.93 -5.39
N MET A 383 12.50 2.88 -4.83
CA MET A 383 11.79 3.02 -3.57
C MET A 383 12.16 1.87 -2.63
N ASP A 384 13.19 1.12 -3.03
CA ASP A 384 13.74 -0.01 -2.27
C ASP A 384 12.76 -1.10 -1.86
N LYS A 385 11.85 -1.46 -2.74
CA LYS A 385 10.89 -2.52 -2.47
C LYS A 385 10.95 -3.49 -3.64
N THR A 386 10.61 -4.75 -3.38
CA THR A 386 10.60 -5.75 -4.45
C THR A 386 9.34 -6.59 -4.30
N ALA A 387 8.64 -6.81 -5.40
CA ALA A 387 7.41 -7.59 -5.40
C ALA A 387 7.54 -8.78 -6.36
N MET A 388 7.23 -9.96 -5.84
CA MET A 388 7.33 -11.19 -6.63
C MET A 388 6.05 -12.02 -6.54
N TYR A 389 5.64 -12.60 -7.67
CA TYR A 389 4.45 -13.43 -7.72
C TYR A 389 4.68 -14.65 -8.62
N ASN A 390 4.39 -15.83 -8.09
CA ASN A 390 4.55 -17.10 -8.82
C ASN A 390 3.14 -17.60 -9.14
N ALA A 391 2.75 -17.54 -10.42
CA ALA A 391 1.42 -17.96 -10.84
C ALA A 391 1.21 -19.48 -10.84
N GLU A 392 2.29 -20.22 -11.10
CA GLU A 392 2.22 -21.68 -11.14
C GLU A 392 1.89 -22.26 -9.77
N LYS A 393 2.51 -21.70 -8.74
CA LYS A 393 2.34 -22.16 -7.36
C LYS A 393 1.32 -21.35 -6.57
N GLY A 394 1.09 -20.11 -6.99
CA GLY A 394 0.11 -19.29 -6.30
C GLY A 394 0.52 -18.56 -5.03
N PHE A 395 1.70 -17.94 -5.03
CA PHE A 395 2.12 -17.20 -3.84
C PHE A 395 2.80 -15.91 -4.25
N GLY A 396 2.71 -14.93 -3.36
CA GLY A 396 3.32 -13.63 -3.59
C GLY A 396 4.39 -13.44 -2.54
N PHE A 397 5.36 -12.58 -2.83
CA PHE A 397 6.46 -12.31 -1.91
C PHE A 397 6.80 -10.84 -2.01
N GLY A 398 6.87 -10.18 -0.87
CA GLY A 398 7.21 -8.77 -0.85
C GLY A 398 8.42 -8.54 0.04
N LEU A 399 9.39 -7.79 -0.47
CA LEU A 399 10.61 -7.50 0.28
C LEU A 399 10.66 -6.01 0.56
N SER A 400 10.53 -5.66 1.84
CA SER A 400 10.51 -4.27 2.27
C SER A 400 11.83 -3.79 2.87
N LEU A 401 12.52 -2.92 2.13
CA LEU A 401 13.80 -2.38 2.56
C LEU A 401 13.79 -0.85 2.53
N PHE A 402 14.95 -0.27 2.85
CA PHE A 402 15.14 1.17 2.78
C PHE A 402 16.64 1.39 2.70
N SER A 403 17.04 2.61 2.37
CA SER A 403 18.46 2.92 2.23
C SER A 403 18.69 4.39 2.52
N SER A 404 19.84 4.89 2.10
CA SER A 404 20.19 6.29 2.29
C SER A 404 19.22 7.15 1.47
N ARG A 405 18.56 6.52 0.51
CA ARG A 405 17.63 7.23 -0.37
C ARG A 405 16.16 7.24 0.09
N THR A 406 15.82 6.39 1.05
CA THR A 406 14.45 6.29 1.51
C THR A 406 14.32 6.17 3.03
N LEU A 407 13.17 6.60 3.56
CA LEU A 407 12.88 6.55 4.99
C LEU A 407 12.38 5.14 5.32
N ASN A 408 12.77 4.60 6.48
CA ASN A 408 12.33 3.25 6.82
C ASN A 408 10.82 3.15 7.07
N TYR A 409 10.27 3.99 7.94
CA TYR A 409 8.82 3.96 8.17
C TYR A 409 8.31 5.34 8.49
N GLU A 410 7.03 5.57 8.20
CA GLU A 410 6.43 6.86 8.48
C GLU A 410 5.47 6.83 9.64
N HIS A 411 5.77 7.66 10.63
CA HIS A 411 4.96 7.82 11.81
C HIS A 411 4.66 9.31 11.92
N MET A 412 3.44 9.71 11.56
CA MET A 412 3.05 11.11 11.67
C MET A 412 1.54 11.20 11.87
N ASN A 413 1.10 12.32 12.45
CA ASN A 413 -0.30 12.52 12.76
C ASN A 413 -0.74 11.41 13.70
N LYS A 414 0.21 10.95 14.51
CA LYS A 414 -0.03 9.92 15.51
C LYS A 414 -0.39 8.55 14.93
N GLU A 415 -0.08 8.34 13.66
CA GLU A 415 -0.38 7.06 13.01
C GLU A 415 0.89 6.23 12.81
N ASN A 416 0.74 4.91 12.90
CA ASN A 416 1.84 3.95 12.72
C ASN A 416 2.96 4.16 13.74
N LYS A 417 2.59 4.16 15.02
CA LYS A 417 3.54 4.39 16.11
C LYS A 417 4.57 3.28 16.30
N ARG A 418 4.31 2.09 15.78
CA ARG A 418 5.25 0.99 15.97
C ARG A 418 5.73 0.31 14.68
N GLY A 419 5.91 1.09 13.62
CA GLY A 419 6.37 0.52 12.37
C GLY A 419 7.88 0.51 12.26
N TRP A 420 8.54 0.74 13.39
CA TRP A 420 10.00 0.81 13.50
C TRP A 420 10.81 -0.10 12.58
N TYR A 421 10.42 -1.38 12.53
CA TYR A 421 11.17 -2.35 11.75
C TYR A 421 10.52 -2.92 10.51
N THR A 422 9.48 -2.26 10.00
CA THR A 422 8.77 -2.76 8.83
C THR A 422 9.55 -2.65 7.52
N SER A 423 10.75 -2.07 7.56
CA SER A 423 11.57 -1.97 6.36
C SER A 423 13.00 -2.44 6.60
N ASP A 424 13.22 -3.10 7.75
CA ASP A 424 14.54 -3.60 8.12
C ASP A 424 14.77 -4.99 7.56
N GLY A 425 14.49 -5.16 6.27
CA GLY A 425 14.64 -6.47 5.68
C GLY A 425 13.40 -7.28 5.99
N MET A 426 12.27 -6.60 6.18
CA MET A 426 11.02 -7.32 6.46
C MET A 426 10.49 -7.96 5.19
N PHE A 427 9.93 -9.16 5.32
CA PHE A 427 9.37 -9.83 4.15
C PHE A 427 7.90 -10.18 4.37
N TYR A 428 7.17 -10.28 3.27
CA TYR A 428 5.75 -10.63 3.29
C TYR A 428 5.56 -11.86 2.41
N LEU A 429 4.72 -12.79 2.86
CA LEU A 429 4.40 -13.98 2.08
C LEU A 429 2.89 -13.95 1.88
N TYR A 430 2.46 -13.95 0.62
CA TYR A 430 1.04 -13.93 0.26
C TYR A 430 0.67 -15.31 -0.25
N ASN A 431 -0.06 -16.08 0.57
CA ASN A 431 -0.46 -17.42 0.19
C ASN A 431 -1.98 -17.65 0.25
N GLY A 432 -2.36 -18.91 0.44
CA GLY A 432 -3.75 -19.28 0.52
C GLY A 432 -4.58 -18.51 1.53
N ASP A 433 -3.94 -18.01 2.58
CA ASP A 433 -4.64 -17.23 3.60
C ASP A 433 -4.64 -15.76 3.23
N LEU A 434 -5.63 -15.36 2.43
CA LEU A 434 -5.75 -13.99 1.98
C LEU A 434 -6.01 -13.01 3.13
N SER A 435 -6.42 -13.53 4.28
CA SER A 435 -6.72 -12.68 5.43
C SER A 435 -5.53 -12.47 6.36
N HIS A 436 -4.40 -13.09 6.03
CA HIS A 436 -3.22 -12.99 6.89
C HIS A 436 -2.84 -11.64 7.46
N TYR A 437 -2.69 -10.63 6.61
CA TYR A 437 -2.31 -9.30 7.08
C TYR A 437 -3.53 -8.45 7.43
N SER A 438 -4.69 -9.10 7.48
CA SER A 438 -5.94 -8.42 7.82
C SER A 438 -6.48 -8.96 9.14
N ASP A 439 -7.74 -8.66 9.43
CA ASP A 439 -8.37 -9.11 10.67
C ASP A 439 -7.54 -8.75 11.91
N GLY A 440 -7.03 -7.53 11.94
CA GLY A 440 -6.27 -7.08 13.09
C GLY A 440 -4.82 -7.51 13.19
N TYR A 441 -4.20 -7.85 12.07
CA TYR A 441 -2.80 -8.25 12.07
C TYR A 441 -1.91 -7.14 12.65
N TRP A 442 -2.07 -5.92 12.14
CA TRP A 442 -1.25 -4.81 12.57
C TRP A 442 -1.29 -4.40 14.04
N PRO A 443 -2.47 -4.46 14.69
CA PRO A 443 -2.44 -4.07 16.10
C PRO A 443 -2.09 -5.22 17.05
N THR A 444 -1.98 -6.43 16.51
CA THR A 444 -1.65 -7.61 17.32
C THR A 444 -0.27 -8.22 17.03
N VAL A 445 0.32 -7.87 15.90
CA VAL A 445 1.64 -8.39 15.57
C VAL A 445 2.65 -7.79 16.56
N ASN A 446 3.63 -8.59 16.99
CA ASN A 446 4.65 -8.10 17.92
C ASN A 446 5.61 -7.23 17.10
N PRO A 447 5.53 -5.90 17.27
CA PRO A 447 6.37 -4.95 16.54
C PRO A 447 7.88 -5.10 16.70
N TYR A 448 8.31 -5.85 17.71
CA TYR A 448 9.74 -6.07 17.95
C TYR A 448 10.27 -7.26 17.16
N LYS A 449 9.37 -8.02 16.54
CA LYS A 449 9.79 -9.18 15.79
C LYS A 449 9.18 -9.27 14.40
N MET A 450 9.33 -8.21 13.61
CA MET A 450 8.79 -8.22 12.27
C MET A 450 9.55 -9.31 11.49
N PRO A 451 8.82 -10.12 10.72
N PRO A 451 8.82 -10.12 10.72
CA PRO A 451 9.39 -11.21 9.93
CA PRO A 451 9.39 -11.22 9.93
C PRO A 451 10.55 -10.83 9.02
C PRO A 451 10.55 -10.85 9.00
N GLY A 452 11.64 -11.58 9.13
CA GLY A 452 12.82 -11.34 8.32
C GLY A 452 13.88 -10.44 8.93
N THR A 453 13.47 -9.58 9.84
CA THR A 453 14.38 -8.61 10.44
C THR A 453 15.33 -9.10 11.53
N THR A 454 16.51 -8.50 11.54
CA THR A 454 17.55 -8.80 12.52
C THR A 454 17.57 -7.55 13.39
N GLU A 455 17.34 -7.72 14.69
CA GLU A 455 17.28 -6.61 15.63
C GLU A 455 17.72 -7.00 17.05
N THR A 456 18.04 -5.99 17.85
CA THR A 456 18.39 -6.22 19.25
C THR A 456 17.05 -6.05 19.94
N ASP A 457 16.94 -6.50 21.19
CA ASP A 457 15.66 -6.39 21.89
C ASP A 457 15.49 -5.13 22.74
N ALA A 458 16.22 -4.07 22.41
CA ALA A 458 16.09 -2.83 23.16
C ALA A 458 14.67 -2.29 23.00
N LYS A 459 14.19 -1.60 24.01
CA LYS A 459 12.85 -1.01 23.99
C LYS A 459 12.83 0.16 23.00
N ARG A 460 11.69 0.36 22.35
CA ARG A 460 11.55 1.47 21.39
C ARG A 460 10.42 2.38 21.84
N ALA A 461 10.57 3.67 21.59
CA ALA A 461 9.55 4.64 21.97
C ALA A 461 8.57 4.90 20.83
N ASP A 462 7.28 5.01 21.16
CA ASP A 462 6.26 5.26 20.16
C ASP A 462 6.45 6.63 19.52
N SER A 463 7.06 7.54 20.27
CA SER A 463 7.28 8.90 19.80
C SER A 463 8.38 9.03 18.75
N ASP A 464 9.14 7.96 18.53
CA ASP A 464 10.20 7.96 17.53
C ASP A 464 9.66 8.17 16.11
N THR A 465 10.51 8.65 15.21
CA THR A 465 10.12 8.84 13.82
C THR A 465 11.11 8.15 12.89
N GLY A 466 10.77 8.03 11.62
CA GLY A 466 11.62 7.36 10.65
C GLY A 466 13.02 7.93 10.43
N LYS A 467 13.88 7.10 9.87
CA LYS A 467 15.26 7.48 9.58
C LYS A 467 15.67 6.87 8.24
N VAL A 468 16.69 7.45 7.59
CA VAL A 468 17.17 6.85 6.36
C VAL A 468 18.32 5.95 6.79
N LEU A 469 18.76 5.07 5.90
CA LEU A 469 19.84 4.15 6.21
C LEU A 469 21.19 4.80 5.91
N PRO A 470 22.22 4.50 6.70
CA PRO A 470 23.53 5.10 6.44
C PRO A 470 24.11 4.70 5.09
N SER A 471 23.81 3.47 4.67
CA SER A 471 24.36 2.96 3.42
C SER A 471 23.44 3.03 2.21
N ALA A 472 24.06 3.14 1.03
CA ALA A 472 23.33 3.19 -0.22
C ALA A 472 23.37 1.82 -0.88
N PHE A 473 24.07 0.88 -0.25
CA PHE A 473 24.22 -0.47 -0.78
C PHE A 473 22.99 -1.32 -0.43
N VAL A 474 21.91 -1.04 -1.15
CA VAL A 474 20.64 -1.70 -0.97
C VAL A 474 20.02 -1.76 -2.37
N GLY A 475 19.68 -2.94 -2.84
CA GLY A 475 19.10 -3.02 -4.16
C GLY A 475 18.84 -4.43 -4.66
N THR A 476 18.14 -4.51 -5.79
CA THR A 476 17.78 -5.78 -6.38
C THR A 476 18.22 -5.88 -7.83
N SER A 477 18.81 -7.02 -8.17
CA SER A 477 19.23 -7.27 -9.54
C SER A 477 18.25 -8.32 -10.06
N LYS A 478 17.45 -7.94 -11.04
CA LYS A 478 16.46 -8.83 -11.61
C LYS A 478 16.93 -9.46 -12.92
N LEU A 479 16.81 -10.77 -13.03
CA LEU A 479 17.21 -11.48 -14.24
C LEU A 479 15.99 -11.62 -15.16
N ASP A 480 14.91 -12.16 -14.61
CA ASP A 480 13.68 -12.35 -15.39
C ASP A 480 12.44 -12.26 -14.49
N ASP A 481 11.31 -12.77 -14.96
CA ASP A 481 10.06 -12.70 -14.19
C ASP A 481 10.02 -13.62 -12.96
N ALA A 482 11.02 -14.47 -12.79
CA ALA A 482 11.00 -15.40 -11.67
C ALA A 482 12.26 -15.41 -10.81
N ASN A 483 13.32 -14.78 -11.30
CA ASN A 483 14.59 -14.79 -10.58
C ASN A 483 15.19 -13.41 -10.36
N ALA A 484 15.59 -13.16 -9.12
CA ALA A 484 16.20 -11.89 -8.74
C ALA A 484 17.00 -12.05 -7.47
N THR A 485 17.90 -11.10 -7.22
CA THR A 485 18.74 -11.13 -6.04
C THR A 485 18.76 -9.75 -5.43
N ALA A 486 18.78 -9.69 -4.10
CA ALA A 486 18.78 -8.42 -3.40
C ALA A 486 19.66 -8.45 -2.17
N THR A 487 20.14 -7.28 -1.75
CA THR A 487 20.94 -7.19 -0.55
C THR A 487 20.63 -5.88 0.15
N MET A 488 21.00 -5.82 1.41
CA MET A 488 20.80 -4.64 2.25
C MET A 488 21.95 -4.55 3.25
N ASP A 489 22.80 -3.54 3.07
CA ASP A 489 23.94 -3.30 3.97
C ASP A 489 23.33 -2.65 5.21
N PHE A 490 22.76 -3.51 6.05
CA PHE A 490 22.04 -3.12 7.26
C PHE A 490 22.79 -2.66 8.49
N THR A 491 22.21 -1.65 9.14
CA THR A 491 22.69 -1.07 10.39
C THR A 491 21.38 -0.73 11.11
N ASN A 492 21.26 -1.11 12.38
CA ASN A 492 20.02 -0.82 13.09
C ASN A 492 19.89 0.64 13.49
N TRP A 493 18.69 1.00 13.96
CA TRP A 493 18.34 2.37 14.32
C TRP A 493 19.33 3.17 15.17
N ASN A 494 20.04 2.52 16.10
CA ASN A 494 20.99 3.24 16.95
C ASN A 494 22.45 2.85 16.71
N GLN A 495 22.73 2.29 15.53
CA GLN A 495 24.08 1.89 15.19
C GLN A 495 24.75 1.02 16.25
N THR A 496 24.08 -0.07 16.62
CA THR A 496 24.65 -0.99 17.59
C THR A 496 24.71 -2.39 16.99
N LEU A 497 24.10 -2.54 15.82
CA LEU A 497 24.09 -3.83 15.15
C LEU A 497 24.16 -3.71 13.64
N THR A 498 24.89 -4.64 13.01
CA THR A 498 25.03 -4.66 11.55
C THR A 498 24.77 -6.07 11.05
N ALA A 499 24.63 -6.20 9.73
CA ALA A 499 24.41 -7.48 9.09
C ALA A 499 24.27 -7.30 7.59
N HIS A 500 24.96 -8.17 6.84
CA HIS A 500 24.85 -8.15 5.39
C HIS A 500 23.67 -9.08 5.12
N LYS A 501 22.50 -8.49 4.88
CA LYS A 501 21.31 -9.30 4.62
C LYS A 501 21.07 -9.40 3.12
N SER A 502 20.87 -10.62 2.63
CA SER A 502 20.65 -10.82 1.21
C SER A 502 19.51 -11.81 0.96
N TRP A 503 18.87 -11.65 -0.19
CA TRP A 503 17.75 -12.50 -0.56
C TRP A 503 17.96 -13.02 -1.97
N PHE A 504 17.64 -14.29 -2.15
CA PHE A 504 17.80 -14.94 -3.44
C PHE A 504 16.47 -15.51 -3.88
N MET A 505 15.78 -14.75 -4.72
CA MET A 505 14.47 -15.15 -5.23
C MET A 505 14.69 -16.09 -6.40
N LEU A 506 14.36 -17.35 -6.18
CA LEU A 506 14.57 -18.38 -7.19
C LEU A 506 13.30 -19.11 -7.62
N LYS A 507 12.42 -18.36 -8.28
CA LYS A 507 11.15 -18.85 -8.81
C LYS A 507 10.09 -19.38 -7.83
N ASP A 508 10.38 -20.49 -7.15
CA ASP A 508 9.41 -21.07 -6.24
C ASP A 508 9.88 -21.14 -4.80
N LYS A 509 10.88 -20.32 -4.49
CA LYS A 509 11.47 -20.30 -3.16
C LYS A 509 12.33 -19.04 -3.05
N ILE A 510 12.65 -18.66 -1.82
CA ILE A 510 13.49 -17.50 -1.56
C ILE A 510 14.50 -17.89 -0.49
N ALA A 511 15.78 -17.66 -0.77
CA ALA A 511 16.81 -17.98 0.22
C ALA A 511 17.11 -16.70 0.99
N PHE A 512 17.26 -16.83 2.30
CA PHE A 512 17.59 -15.68 3.15
C PHE A 512 18.97 -15.92 3.72
N LEU A 513 19.93 -15.04 3.43
CA LEU A 513 21.27 -15.18 3.98
C LEU A 513 21.66 -13.91 4.74
N GLY A 514 22.29 -14.09 5.89
CA GLY A 514 22.74 -12.96 6.69
C GLY A 514 24.14 -13.29 7.18
N SER A 515 25.05 -12.34 7.04
CA SER A 515 26.43 -12.56 7.47
C SER A 515 26.98 -11.30 8.13
N ASN A 516 28.15 -11.42 8.73
CA ASN A 516 28.81 -10.30 9.38
C ASN A 516 27.91 -9.69 10.44
N ILE A 517 27.13 -10.53 11.13
CA ILE A 517 26.25 -10.02 12.18
C ILE A 517 27.07 -9.63 13.41
N GLN A 518 27.01 -8.35 13.78
CA GLN A 518 27.75 -7.83 14.92
C GLN A 518 26.86 -7.00 15.83
N ASN A 519 27.14 -7.05 17.12
CA ASN A 519 26.36 -6.31 18.11
C ASN A 519 27.30 -5.68 19.15
N THR A 520 27.23 -4.37 19.29
CA THR A 520 28.07 -3.65 20.25
C THR A 520 27.31 -3.25 21.51
N SER A 521 26.02 -3.58 21.57
CA SER A 521 25.22 -3.22 22.74
C SER A 521 25.14 -4.33 23.77
N THR A 522 24.41 -4.07 24.85
CA THR A 522 24.23 -5.05 25.92
C THR A 522 22.91 -5.78 25.72
N ASP A 523 22.22 -5.44 24.64
CA ASP A 523 20.94 -6.07 24.32
C ASP A 523 21.18 -7.34 23.51
N THR A 524 20.22 -8.25 23.53
CA THR A 524 20.36 -9.51 22.80
C THR A 524 19.92 -9.32 21.34
N ALA A 525 20.66 -9.92 20.42
CA ALA A 525 20.35 -9.82 18.99
C ALA A 525 19.78 -11.12 18.46
N ALA A 526 18.84 -11.02 17.52
CA ALA A 526 18.22 -12.18 16.91
C ALA A 526 17.54 -11.80 15.60
N THR A 527 17.36 -12.78 14.73
CA THR A 527 16.69 -12.57 13.46
C THR A 527 15.35 -13.30 13.56
N THR A 528 14.26 -12.61 13.23
CA THR A 528 12.96 -13.25 13.26
C THR A 528 12.78 -13.96 11.92
N ILE A 529 12.72 -15.29 11.96
CA ILE A 529 12.56 -16.04 10.73
C ILE A 529 11.14 -15.88 10.24
N ASP A 530 10.19 -15.82 11.17
CA ASP A 530 8.81 -15.61 10.80
C ASP A 530 7.96 -15.33 12.02
N GLN A 531 6.82 -14.69 11.78
CA GLN A 531 5.83 -14.38 12.80
C GLN A 531 4.57 -14.42 11.96
N ARG A 532 4.05 -15.62 11.83
CA ARG A 532 2.87 -15.88 11.00
C ARG A 532 1.58 -15.89 11.80
N LYS A 533 0.59 -15.10 11.35
CA LYS A 533 -0.70 -15.03 12.01
C LYS A 533 -1.51 -16.25 11.59
N LEU A 534 -2.07 -16.96 12.56
CA LEU A 534 -2.82 -18.19 12.30
C LEU A 534 -4.32 -18.03 12.15
N GLU A 535 -4.93 -19.09 11.63
CA GLU A 535 -6.38 -19.17 11.44
C GLU A 535 -6.87 -20.29 12.35
N SER A 536 -7.82 -19.99 13.22
CA SER A 536 -8.35 -20.99 14.14
C SER A 536 -9.02 -22.13 13.38
N SER A 537 -9.51 -21.84 12.18
N SER A 537 -9.50 -21.84 12.17
CA SER A 537 -10.17 -22.86 11.37
CA SER A 537 -10.17 -22.84 11.36
C SER A 537 -9.19 -23.76 10.64
C SER A 537 -9.19 -23.75 10.65
N ASN A 538 -8.02 -23.23 10.31
CA ASN A 538 -7.01 -24.00 9.61
C ASN A 538 -5.72 -24.08 10.42
N PRO A 539 -5.70 -24.96 11.44
CA PRO A 539 -4.49 -25.10 12.27
C PRO A 539 -3.33 -25.74 11.53
N TYR A 540 -2.12 -25.37 11.94
CA TYR A 540 -0.90 -25.90 11.35
C TYR A 540 -0.36 -27.05 12.19
N LYS A 541 0.18 -28.05 11.53
CA LYS A 541 0.80 -29.16 12.22
C LYS A 541 2.27 -28.80 12.02
N VAL A 542 3.01 -28.66 13.11
CA VAL A 542 4.41 -28.27 13.02
C VAL A 542 5.42 -29.40 13.08
N TYR A 543 6.38 -29.37 12.15
CA TYR A 543 7.43 -30.37 12.08
C TYR A 543 8.81 -29.74 12.16
N VAL A 544 9.70 -30.35 12.93
CA VAL A 544 11.08 -29.89 13.04
C VAL A 544 11.88 -31.12 12.66
N ASN A 545 12.71 -30.98 11.63
CA ASN A 545 13.50 -32.10 11.14
C ASN A 545 12.57 -33.25 10.77
N ASP A 546 11.38 -32.87 10.30
CA ASP A 546 10.33 -33.80 9.87
C ASP A 546 9.68 -34.64 10.97
N LYS A 547 9.76 -34.16 12.20
CA LYS A 547 9.15 -34.84 13.34
C LYS A 547 8.18 -33.85 13.94
N GLU A 548 6.94 -34.28 14.19
CA GLU A 548 5.95 -33.39 14.75
C GLU A 548 6.40 -32.77 16.08
N ALA A 549 6.18 -31.47 16.21
CA ALA A 549 6.55 -30.75 17.42
C ALA A 549 5.31 -30.11 18.00
N SER A 550 5.31 -29.87 19.30
CA SER A 550 4.18 -29.24 19.97
C SER A 550 4.64 -27.90 20.51
N LEU A 551 4.15 -26.83 19.90
CA LEU A 551 4.52 -25.49 20.30
C LEU A 551 3.63 -24.99 21.42
N THR A 552 4.20 -24.16 22.28
CA THR A 552 3.49 -23.59 23.42
C THR A 552 3.70 -22.09 23.44
N GLU A 553 2.98 -21.41 24.33
CA GLU A 553 3.12 -19.96 24.46
C GLU A 553 4.56 -19.68 24.86
N GLN A 554 5.10 -20.57 25.67
CA GLN A 554 6.48 -20.42 26.12
C GLN A 554 7.43 -20.87 25.03
N GLU A 555 8.44 -20.05 24.79
CA GLU A 555 9.44 -20.29 23.76
C GLU A 555 10.22 -21.58 23.99
N LYS A 556 10.32 -22.40 22.94
CA LYS A 556 11.06 -23.66 23.02
C LYS A 556 12.26 -23.59 22.09
N ASP A 557 13.41 -24.08 22.53
CA ASP A 557 14.61 -24.07 21.71
C ASP A 557 14.77 -25.36 20.93
N TYR A 558 15.19 -25.23 19.68
CA TYR A 558 15.40 -26.39 18.82
C TYR A 558 16.80 -26.35 18.22
N PRO A 559 17.78 -26.88 18.95
CA PRO A 559 19.17 -26.90 18.45
C PRO A 559 19.34 -27.94 17.35
N GLU A 560 20.32 -27.74 16.48
CA GLU A 560 20.59 -28.65 15.38
C GLU A 560 19.39 -28.85 14.46
N THR A 561 18.73 -27.74 14.11
CA THR A 561 17.57 -27.81 13.23
C THR A 561 17.99 -27.69 11.76
N GLN A 562 17.50 -28.62 10.95
CA GLN A 562 17.81 -28.61 9.53
C GLN A 562 16.60 -28.09 8.76
N SER A 563 15.42 -28.29 9.32
CA SER A 563 14.20 -27.84 8.66
C SER A 563 13.04 -27.69 9.63
N VAL A 564 12.07 -26.88 9.22
CA VAL A 564 10.85 -26.67 9.97
C VAL A 564 9.76 -26.65 8.88
N PHE A 565 8.65 -27.34 9.13
CA PHE A 565 7.57 -27.37 8.15
C PHE A 565 6.22 -27.08 8.80
N LEU A 566 5.49 -26.13 8.23
CA LEU A 566 4.16 -25.78 8.74
C LEU A 566 3.16 -26.40 7.77
N GLU A 567 2.47 -27.44 8.24
CA GLU A 567 1.51 -28.18 7.43
C GLU A 567 0.04 -27.86 7.70
N SER A 568 -0.62 -27.42 6.63
CA SER A 568 -2.04 -27.08 6.67
C SER A 568 -2.80 -28.13 5.87
N SER A 569 -4.12 -28.12 5.96
CA SER A 569 -4.92 -29.07 5.19
C SER A 569 -4.92 -28.59 3.74
N ASP A 570 -4.58 -27.32 3.56
CA ASP A 570 -4.51 -26.71 2.24
C ASP A 570 -3.04 -26.47 1.91
N SER A 571 -2.51 -27.20 0.93
CA SER A 571 -1.11 -27.08 0.56
C SER A 571 -0.73 -25.64 0.17
N LYS A 572 -1.69 -24.86 -0.31
CA LYS A 572 -1.44 -23.48 -0.70
C LYS A 572 -1.19 -22.58 0.51
N LYS A 573 -1.15 -23.19 1.70
CA LYS A 573 -0.90 -22.45 2.94
C LYS A 573 0.33 -22.99 3.66
N ASN A 574 0.94 -24.02 3.08
CA ASN A 574 2.11 -24.62 3.69
C ASN A 574 3.33 -23.74 3.57
N ILE A 575 4.15 -23.76 4.62
CA ILE A 575 5.38 -22.97 4.64
C ILE A 575 6.50 -23.83 5.19
N GLY A 576 7.56 -23.96 4.39
CA GLY A 576 8.69 -24.73 4.84
C GLY A 576 9.96 -23.89 4.92
N TYR A 577 10.81 -24.20 5.89
N TYR A 577 10.81 -24.20 5.89
CA TYR A 577 12.07 -23.48 6.08
CA TYR A 577 12.07 -23.49 6.07
C TYR A 577 13.20 -24.52 6.12
C TYR A 577 13.20 -24.50 6.12
N PHE A 578 14.11 -24.43 5.16
CA PHE A 578 15.25 -25.35 5.10
C PHE A 578 16.54 -24.62 5.43
N PHE A 579 17.18 -25.01 6.54
CA PHE A 579 18.43 -24.39 6.93
C PHE A 579 19.62 -25.11 6.27
N PHE A 580 20.32 -24.39 5.41
CA PHE A 580 21.46 -24.94 4.69
C PHE A 580 22.40 -25.66 5.63
N LYS A 581 22.62 -25.06 6.79
CA LYS A 581 23.46 -25.66 7.82
C LYS A 581 22.62 -25.70 9.09
N LYS A 582 22.67 -26.83 9.79
CA LYS A 582 21.90 -26.98 11.02
C LYS A 582 22.04 -25.74 11.87
N SER A 583 20.90 -25.22 12.33
CA SER A 583 20.91 -24.00 13.12
C SER A 583 20.12 -24.14 14.42
N SER A 584 20.44 -23.27 15.36
CA SER A 584 19.77 -23.25 16.63
C SER A 584 18.67 -22.19 16.60
N ILE A 585 17.42 -22.63 16.70
CA ILE A 585 16.29 -21.71 16.66
C ILE A 585 15.34 -21.97 17.82
N SER A 586 14.39 -21.05 17.99
CA SER A 586 13.40 -21.19 19.04
C SER A 586 12.04 -20.88 18.42
N MET A 587 11.00 -21.53 18.89
CA MET A 587 9.67 -21.30 18.35
C MET A 587 8.63 -21.27 19.45
N SER A 588 7.51 -20.61 19.16
CA SER A 588 6.41 -20.51 20.09
C SER A 588 5.14 -20.14 19.35
N LYS A 589 4.01 -20.53 19.93
CA LYS A 589 2.70 -20.21 19.37
C LYS A 589 1.98 -19.53 20.51
N ALA A 590 1.55 -18.29 20.31
CA ALA A 590 0.89 -17.58 21.38
C ALA A 590 -0.15 -16.57 20.94
N LEU A 591 -1.17 -16.39 21.77
N LEU A 591 -1.17 -16.39 21.77
CA LEU A 591 -2.22 -15.42 21.49
CA LEU A 591 -2.22 -15.44 21.49
C LEU A 591 -1.68 -14.06 21.85
C LEU A 591 -1.66 -14.06 21.84
N GLN A 592 -1.74 -13.13 20.90
CA GLN A 592 -1.24 -11.79 21.14
C GLN A 592 -2.41 -10.81 21.07
N LYS A 593 -2.47 -9.90 22.04
CA LYS A 593 -3.54 -8.92 22.11
C LYS A 593 -3.03 -7.50 21.92
N GLY A 594 -3.92 -6.63 21.46
CA GLY A 594 -3.58 -5.25 21.25
C GLY A 594 -4.78 -4.50 20.71
N ALA A 595 -4.66 -3.19 20.56
CA ALA A 595 -5.76 -2.40 20.04
C ALA A 595 -5.21 -1.49 18.97
N TRP A 596 -6.03 -1.18 17.97
CA TRP A 596 -5.60 -0.29 16.90
C TRP A 596 -5.10 1.04 17.45
N LYS A 597 -5.70 1.48 18.54
CA LYS A 597 -5.31 2.75 19.15
C LYS A 597 -3.86 2.72 19.60
N ASP A 598 -3.35 1.54 19.92
CA ASP A 598 -1.95 1.43 20.35
C ASP A 598 -1.00 1.93 19.25
N ILE A 599 -1.35 1.65 18.00
CA ILE A 599 -0.49 2.05 16.89
C ILE A 599 -1.01 3.25 16.11
N ASN A 600 -2.21 3.72 16.47
CA ASN A 600 -2.81 4.87 15.80
C ASN A 600 -3.77 5.56 16.76
N GLU A 601 -3.34 6.69 17.33
CA GLU A 601 -4.12 7.46 18.29
C GLU A 601 -5.60 7.65 17.97
N GLY A 602 -5.91 7.93 16.70
CA GLY A 602 -7.29 8.14 16.30
C GLY A 602 -8.12 6.90 16.09
N GLN A 603 -7.58 5.72 16.41
CA GLN A 603 -8.32 4.48 16.21
C GLN A 603 -8.95 3.96 17.51
N SER A 604 -9.77 2.92 17.40
CA SER A 604 -10.46 2.33 18.54
C SER A 604 -9.55 1.63 19.55
N ASP A 605 -9.87 1.79 20.83
CA ASP A 605 -9.09 1.17 21.90
C ASP A 605 -9.63 -0.23 22.20
N LYS A 606 -10.55 -0.68 21.36
CA LYS A 606 -11.17 -1.99 21.50
C LYS A 606 -10.09 -3.06 21.37
N GLU A 607 -9.99 -3.95 22.35
CA GLU A 607 -8.99 -5.01 22.31
C GLU A 607 -9.22 -6.01 21.18
N VAL A 608 -8.14 -6.33 20.48
CA VAL A 608 -8.19 -7.27 19.37
C VAL A 608 -7.23 -8.39 19.72
N GLU A 609 -7.43 -9.58 19.17
CA GLU A 609 -6.53 -10.68 19.47
C GLU A 609 -6.38 -11.65 18.30
N ASN A 610 -5.16 -12.18 18.16
CA ASN A 610 -4.83 -13.13 17.12
C ASN A 610 -3.72 -14.03 17.63
N GLU A 611 -3.67 -15.26 17.14
CA GLU A 611 -2.62 -16.18 17.56
C GLU A 611 -1.52 -16.12 16.50
N PHE A 612 -0.27 -16.10 16.95
CA PHE A 612 0.88 -16.05 16.05
C PHE A 612 1.90 -17.16 16.32
N LEU A 613 2.58 -17.59 15.26
CA LEU A 613 3.62 -18.62 15.37
C LEU A 613 4.92 -17.86 15.07
N THR A 614 5.79 -17.75 16.06
CA THR A 614 7.04 -17.03 15.92
C THR A 614 8.25 -17.97 15.89
N ILE A 615 9.14 -17.73 14.92
CA ILE A 615 10.36 -18.54 14.74
C ILE A 615 11.54 -17.57 14.78
N SER A 616 12.52 -17.83 15.66
CA SER A 616 13.68 -16.94 15.78
C SER A 616 15.01 -17.66 15.88
N GLN A 617 16.08 -16.92 15.57
CA GLN A 617 17.44 -17.43 15.66
C GLN A 617 18.31 -16.37 16.35
N ALA A 618 18.75 -16.69 17.57
CA ALA A 618 19.58 -15.76 18.33
C ALA A 618 20.98 -15.64 17.74
N HIS A 619 21.58 -14.46 17.91
CA HIS A 619 22.94 -14.20 17.42
C HIS A 619 23.75 -13.72 18.62
N LYS A 620 24.41 -14.65 19.29
CA LYS A 620 25.17 -14.32 20.49
C LYS A 620 26.64 -13.93 20.29
N GLN A 621 27.16 -14.08 19.07
CA GLN A 621 28.57 -13.75 18.83
C GLN A 621 28.77 -12.88 17.59
N ASN A 622 29.79 -12.03 17.62
CA ASN A 622 30.09 -11.18 16.47
C ASN A 622 30.55 -12.10 15.35
N GLY A 623 30.14 -11.79 14.13
CA GLY A 623 30.53 -12.62 13.01
C GLY A 623 29.51 -13.72 12.78
N ASP A 624 28.39 -13.66 13.49
CA ASP A 624 27.33 -14.65 13.33
C ASP A 624 26.64 -14.53 11.98
N SER A 625 25.82 -15.53 11.65
CA SER A 625 25.12 -15.54 10.39
C SER A 625 23.90 -16.46 10.43
N TYR A 626 23.10 -16.40 9.37
CA TYR A 626 21.92 -17.26 9.26
C TYR A 626 21.78 -17.60 7.79
N GLY A 627 21.14 -18.73 7.51
CA GLY A 627 20.97 -19.14 6.13
C GLY A 627 19.87 -20.17 6.02
N TYR A 628 18.82 -19.84 5.29
CA TYR A 628 17.72 -20.77 5.12
C TYR A 628 16.93 -20.45 3.86
N MET A 629 16.19 -21.45 3.39
CA MET A 629 15.37 -21.31 2.20
C MET A 629 13.88 -21.39 2.56
N LEU A 630 13.13 -20.37 2.17
CA LEU A 630 11.70 -20.34 2.43
C LEU A 630 11.03 -21.03 1.23
N ILE A 631 10.34 -22.13 1.49
CA ILE A 631 9.67 -22.88 0.43
C ILE A 631 8.17 -23.02 0.72
N PRO A 632 7.36 -22.21 0.04
CA PRO A 632 5.92 -22.27 0.26
C PRO A 632 5.12 -23.07 -0.75
N ASN A 633 3.86 -23.34 -0.40
CA ASN A 633 2.92 -24.01 -1.27
C ASN A 633 3.20 -25.43 -1.80
N VAL A 634 3.91 -26.24 -1.03
CA VAL A 634 4.18 -27.62 -1.44
C VAL A 634 3.85 -28.51 -0.25
N ASP A 635 3.44 -29.76 -0.50
CA ASP A 635 3.13 -30.62 0.63
C ASP A 635 4.41 -31.13 1.29
N ARG A 636 4.25 -31.79 2.42
CA ARG A 636 5.38 -32.30 3.20
C ARG A 636 6.40 -33.15 2.45
N ALA A 637 5.93 -34.17 1.75
CA ALA A 637 6.83 -35.04 1.01
C ALA A 637 7.58 -34.29 -0.09
N THR A 638 6.91 -33.32 -0.71
CA THR A 638 7.57 -32.56 -1.76
C THR A 638 8.60 -31.61 -1.14
N PHE A 639 8.33 -31.10 0.04
CA PHE A 639 9.27 -30.22 0.72
C PHE A 639 10.52 -31.05 1.08
N ASN A 640 10.30 -32.26 1.62
CA ASN A 640 11.42 -33.12 1.99
C ASN A 640 12.29 -33.49 0.79
N GLN A 641 11.66 -33.67 -0.37
N GLN A 641 11.66 -33.67 -0.37
CA GLN A 641 12.38 -34.02 -1.57
CA GLN A 641 12.38 -34.02 -1.59
C GLN A 641 13.18 -32.82 -2.07
C GLN A 641 13.19 -32.81 -2.04
N MET A 642 12.57 -31.63 -1.97
CA MET A 642 13.22 -30.40 -2.40
C MET A 642 14.45 -30.03 -1.57
N ILE A 643 14.42 -30.28 -0.27
CA ILE A 643 15.58 -29.93 0.54
C ILE A 643 16.75 -30.83 0.22
N LYS A 644 16.46 -32.04 -0.24
CA LYS A 644 17.54 -32.95 -0.61
C LYS A 644 18.17 -32.44 -1.89
N GLU A 645 17.36 -31.88 -2.79
CA GLU A 645 17.90 -31.34 -4.03
C GLU A 645 18.77 -30.12 -3.72
N LEU A 646 18.37 -29.37 -2.69
CA LEU A 646 19.07 -28.15 -2.31
C LEU A 646 20.20 -28.34 -1.29
N GLU A 647 20.49 -29.59 -0.97
CA GLU A 647 21.54 -29.92 0.00
C GLU A 647 22.82 -29.09 -0.17
N SER A 648 23.20 -28.82 -1.41
CA SER A 648 24.42 -28.05 -1.66
C SER A 648 24.17 -26.75 -2.42
N SER A 649 22.99 -26.17 -2.26
CA SER A 649 22.66 -24.93 -2.93
C SER A 649 23.44 -23.71 -2.41
N LEU A 650 23.82 -23.73 -1.14
CA LEU A 650 24.57 -22.62 -0.56
C LEU A 650 26.02 -22.63 -1.06
N ILE A 651 26.38 -21.62 -1.83
CA ILE A 651 27.73 -21.52 -2.37
C ILE A 651 28.63 -20.85 -1.34
N GLU A 652 28.14 -19.76 -0.75
CA GLU A 652 28.91 -19.04 0.23
C GLU A 652 28.05 -18.06 1.03
N ASN A 653 28.46 -17.79 2.27
CA ASN A 653 27.75 -16.85 3.11
C ASN A 653 28.69 -16.25 4.14
N ASN A 654 29.54 -15.33 3.70
CA ASN A 654 30.48 -14.68 4.62
C ASN A 654 30.41 -13.17 4.46
N GLU A 655 31.34 -12.46 5.10
CA GLU A 655 31.36 -11.00 5.08
C GLU A 655 31.59 -10.29 3.75
N THR A 656 32.02 -11.00 2.72
CA THR A 656 32.25 -10.35 1.44
C THR A 656 31.49 -11.00 0.28
N LEU A 657 31.07 -12.24 0.48
CA LEU A 657 30.37 -12.98 -0.57
C LEU A 657 29.22 -13.83 -0.06
N GLN A 658 28.09 -13.74 -0.78
CA GLN A 658 26.89 -14.52 -0.45
C GLN A 658 26.29 -14.99 -1.76
N SER A 659 26.11 -16.30 -1.90
CA SER A 659 25.57 -16.83 -3.14
C SER A 659 24.84 -18.15 -2.93
N VAL A 660 23.74 -18.30 -3.65
CA VAL A 660 22.93 -19.51 -3.61
C VAL A 660 22.77 -19.97 -5.05
N TYR A 661 22.85 -21.27 -5.27
CA TYR A 661 22.73 -21.86 -6.60
C TYR A 661 21.55 -22.81 -6.72
N ASP A 662 20.76 -22.60 -7.77
CA ASP A 662 19.60 -23.44 -8.05
C ASP A 662 19.99 -24.33 -9.22
N ALA A 663 20.41 -25.55 -8.92
CA ALA A 663 20.85 -26.51 -9.93
C ALA A 663 19.77 -26.88 -10.96
N LYS A 664 18.54 -26.99 -10.50
CA LYS A 664 17.44 -27.36 -11.38
C LYS A 664 17.23 -26.31 -12.46
N GLN A 665 17.37 -25.04 -12.09
CA GLN A 665 17.20 -23.94 -13.04
C GLN A 665 18.48 -23.55 -13.74
N GLY A 666 19.61 -23.81 -13.08
CA GLY A 666 20.89 -23.42 -13.66
C GLY A 666 21.06 -21.93 -13.38
N VAL A 667 20.55 -21.49 -12.25
CA VAL A 667 20.61 -20.07 -11.86
C VAL A 667 21.39 -19.82 -10.58
N TRP A 668 22.17 -18.73 -10.58
CA TRP A 668 22.97 -18.31 -9.43
C TRP A 668 22.52 -16.94 -8.98
N GLY A 669 22.47 -16.75 -7.66
CA GLY A 669 22.13 -15.46 -7.09
C GLY A 669 23.44 -15.10 -6.39
N ILE A 670 23.97 -13.91 -6.63
CA ILE A 670 25.25 -13.54 -6.01
C ILE A 670 25.33 -12.11 -5.52
N VAL A 671 25.85 -11.93 -4.31
CA VAL A 671 26.03 -10.59 -3.75
C VAL A 671 27.48 -10.43 -3.35
N LYS A 672 28.14 -9.41 -3.88
CA LYS A 672 29.55 -9.15 -3.56
C LYS A 672 29.71 -7.80 -2.88
N TYR A 673 30.37 -7.79 -1.73
CA TYR A 673 30.58 -6.54 -0.99
C TYR A 673 31.92 -5.85 -1.29
N ASP A 674 32.76 -6.47 -2.11
CA ASP A 674 34.04 -5.85 -2.50
C ASP A 674 34.40 -6.26 -3.91
N ASP A 675 35.47 -5.67 -4.46
CA ASP A 675 35.88 -5.97 -5.83
C ASP A 675 36.89 -7.07 -6.04
N SER A 676 36.96 -8.03 -5.12
CA SER A 676 37.90 -9.13 -5.27
C SER A 676 37.37 -10.04 -6.37
N VAL A 677 38.22 -10.92 -6.90
CA VAL A 677 37.80 -11.85 -7.93
C VAL A 677 37.12 -13.04 -7.25
N SER A 678 35.87 -13.28 -7.58
CA SER A 678 35.14 -14.39 -6.98
C SER A 678 34.86 -15.49 -8.00
N THR A 679 35.40 -16.67 -7.76
CA THR A 679 35.18 -17.79 -8.66
C THR A 679 33.95 -18.54 -8.16
N ILE A 680 32.99 -18.74 -9.05
CA ILE A 680 31.75 -19.40 -8.67
C ILE A 680 31.56 -20.77 -9.31
N SER A 681 31.36 -21.77 -8.45
CA SER A 681 31.14 -23.15 -8.88
C SER A 681 32.14 -23.64 -9.92
N ASN A 682 33.34 -23.07 -9.90
CA ASN A 682 34.39 -23.46 -10.83
C ASN A 682 33.89 -23.35 -12.27
N GLN A 683 33.05 -22.37 -12.55
CA GLN A 683 32.51 -22.18 -13.89
C GLN A 683 32.70 -20.77 -14.41
N PHE A 684 32.66 -19.78 -13.51
CA PHE A 684 32.83 -18.40 -13.90
C PHE A 684 33.31 -17.53 -12.75
N GLN A 685 33.60 -16.28 -13.07
CA GLN A 685 34.06 -15.32 -12.07
C GLN A 685 33.27 -14.02 -12.15
N VAL A 686 32.98 -13.44 -10.99
CA VAL A 686 32.28 -12.17 -10.92
C VAL A 686 33.33 -11.26 -10.31
N LEU A 687 33.49 -10.07 -10.88
CA LEU A 687 34.57 -9.18 -10.45
C LEU A 687 34.29 -7.88 -9.72
N LYS A 688 33.02 -7.50 -9.56
CA LYS A 688 32.75 -6.24 -8.89
C LYS A 688 31.70 -6.26 -7.79
N ARG A 689 31.88 -5.35 -6.84
CA ARG A 689 30.97 -5.16 -5.72
C ARG A 689 29.58 -4.96 -6.34
N GLY A 690 28.58 -5.65 -5.81
CA GLY A 690 27.24 -5.51 -6.36
C GLY A 690 26.38 -6.74 -6.23
N VAL A 691 25.27 -6.75 -6.97
CA VAL A 691 24.31 -7.85 -6.93
C VAL A 691 24.17 -8.50 -8.30
N TYR A 692 24.15 -9.83 -8.33
CA TYR A 692 24.04 -10.56 -9.59
C TYR A 692 22.99 -11.66 -9.55
N THR A 693 22.41 -11.93 -10.71
CA THR A 693 21.47 -13.03 -10.89
C THR A 693 21.91 -13.55 -12.25
N ILE A 694 22.44 -14.76 -12.26
CA ILE A 694 22.98 -15.36 -13.48
C ILE A 694 22.36 -16.71 -13.84
N ARG A 695 22.15 -16.91 -15.13
N ARG A 695 22.15 -16.91 -15.13
CA ARG A 695 21.57 -18.16 -15.63
CA ARG A 695 21.59 -18.17 -15.62
C ARG A 695 22.48 -18.77 -16.70
C ARG A 695 22.43 -18.78 -16.72
N LYS A 696 22.71 -20.06 -16.58
CA LYS A 696 23.51 -20.77 -17.55
C LYS A 696 22.56 -21.52 -18.45
N GLU A 697 22.70 -21.30 -19.75
CA GLU A 697 21.88 -21.97 -20.71
C GLU A 697 22.87 -22.69 -21.62
N GLY A 698 23.29 -23.88 -21.22
CA GLY A 698 24.25 -24.57 -22.05
C GLY A 698 25.64 -23.95 -21.88
N ASP A 699 26.30 -23.54 -22.96
CA ASP A 699 27.61 -22.95 -22.78
C ASP A 699 27.45 -21.45 -22.63
N GLU A 700 26.21 -21.00 -22.68
CA GLU A 700 25.86 -19.60 -22.58
C GLU A 700 25.53 -19.13 -21.17
N TYR A 701 25.77 -17.85 -20.92
CA TYR A 701 25.51 -17.24 -19.62
C TYR A 701 24.75 -15.93 -19.79
N LYS A 702 23.57 -15.83 -19.17
CA LYS A 702 22.75 -14.60 -19.22
C LYS A 702 23.03 -13.89 -17.90
N ILE A 703 23.39 -12.62 -17.97
CA ILE A 703 23.74 -11.87 -16.77
C ILE A 703 22.88 -10.65 -16.44
N ALA A 704 22.61 -10.48 -15.15
CA ALA A 704 21.83 -9.34 -14.65
C ALA A 704 22.65 -8.79 -13.47
N TYR A 705 23.35 -7.69 -13.71
CA TYR A 705 24.17 -7.07 -12.68
C TYR A 705 23.62 -5.70 -12.28
N TYR A 706 23.72 -5.40 -10.99
CA TYR A 706 23.24 -4.12 -10.48
C TYR A 706 24.13 -3.61 -9.36
N ASN A 707 24.56 -2.35 -9.50
CA ASN A 707 25.36 -1.69 -8.49
C ASN A 707 24.36 -0.78 -7.79
N PRO A 708 23.90 -1.17 -6.59
CA PRO A 708 22.93 -0.39 -5.84
C PRO A 708 23.34 1.01 -5.39
N GLU A 709 24.63 1.24 -5.22
CA GLU A 709 25.09 2.56 -4.76
C GLU A 709 25.08 3.62 -5.86
N THR A 710 25.38 3.23 -7.09
CA THR A 710 25.38 4.17 -8.21
C THR A 710 24.07 4.00 -8.97
N GLN A 711 23.30 2.99 -8.61
CA GLN A 711 22.03 2.69 -9.25
C GLN A 711 22.26 2.50 -10.75
N GLU A 712 23.25 1.67 -11.09
CA GLU A 712 23.58 1.39 -12.49
C GLU A 712 23.98 -0.05 -12.69
N SER A 713 23.82 -0.52 -13.91
CA SER A 713 24.25 -1.88 -14.23
C SER A 713 25.65 -1.63 -14.78
N ALA A 714 26.15 -2.53 -15.60
CA ALA A 714 27.48 -2.36 -16.16
C ALA A 714 27.69 -3.33 -17.30
N PRO A 715 28.63 -3.02 -18.21
CA PRO A 715 28.88 -3.93 -19.33
C PRO A 715 29.31 -5.28 -18.79
N ASP A 716 28.87 -6.36 -19.43
CA ASP A 716 29.20 -7.70 -18.99
C ASP A 716 30.69 -7.95 -18.69
N GLN A 717 31.57 -7.57 -19.61
CA GLN A 717 33.00 -7.80 -19.41
C GLN A 717 33.62 -7.11 -18.20
N GLU A 718 32.90 -6.14 -17.63
CA GLU A 718 33.38 -5.42 -16.46
C GLU A 718 33.12 -6.19 -15.16
N VAL A 719 32.11 -7.05 -15.17
CA VAL A 719 31.74 -7.80 -13.97
C VAL A 719 31.70 -9.31 -14.07
N PHE A 720 31.72 -9.84 -15.28
CA PHE A 720 31.64 -11.28 -15.48
C PHE A 720 32.74 -11.83 -16.39
N LYS A 721 33.24 -13.02 -16.04
CA LYS A 721 34.27 -13.67 -16.85
C LYS A 721 34.12 -15.19 -16.78
N LYS A 722 33.89 -15.81 -17.93
CA LYS A 722 33.75 -17.27 -18.02
C LYS A 722 35.13 -17.89 -17.88
N LEU A 723 35.21 -19.04 -17.19
CA LEU A 723 36.48 -19.71 -17.00
C LEU A 723 36.96 -20.48 -18.22
N GLU A 724 38.29 -20.48 -18.42
CA GLU A 724 38.94 -21.16 -19.54
C GLU A 724 38.46 -20.62 -20.89
N GLN A 725 39.00 -21.08 -21.92
C1 NG6 B . -3.89 12.77 4.67
C2 NG6 B . -4.30 11.28 4.45
C3 NG6 B . -5.85 11.17 4.53
C4 NG6 B . -6.37 11.68 5.95
C5 NG6 B . -5.94 13.15 6.15
C6 NG6 B . -6.39 13.69 7.51
C7 NG6 B . -3.12 9.48 3.05
C8 NG6 B . -2.73 9.08 1.65
N2 NG6 B . -3.83 10.75 3.09
O1 NG6 B . -2.48 12.90 4.60
O3 NG6 B . -6.21 9.80 4.29
O4 NG6 B . -5.87 10.77 6.88
O5 NG6 B . -4.40 13.26 6.01
O6 NG6 B . -6.39 12.81 8.77
O7 NG6 B . -2.85 8.78 4.08
S NG6 B . -7.18 12.16 9.84
O1S NG6 B . -6.28 11.41 10.74
O2S NG6 B . -8.16 11.24 9.21
O3S NG6 B . -7.90 13.21 10.60
C1 GCD B . -6.90 9.45 3.11
C2 GCD B . -7.14 7.98 3.05
C3 GCD B . -7.94 7.70 1.70
C4 GCD B . -9.07 8.68 1.26
C5 GCD B . -9.26 9.82 2.01
C6 GCD B . -10.31 10.88 1.75
O2 GCD B . -5.85 7.30 2.97
O3 GCD B . -8.22 6.29 1.79
O5 GCD B . -8.33 10.06 3.22
O6A GCD B . -10.24 11.83 2.62
O6B GCD B . -11.11 10.73 0.73
S SO4 C . 2.82 10.45 18.81
O1 SO4 C . 2.17 9.54 17.89
O2 SO4 C . 3.98 9.81 19.41
O3 SO4 C . 3.24 11.66 18.10
O4 SO4 C . 1.89 10.82 19.87
S SO4 D . 6.65 6.45 24.35
O1 SO4 D . 5.46 6.56 25.18
O2 SO4 D . 6.79 5.07 23.89
O3 SO4 D . 6.52 7.35 23.19
O4 SO4 D . 7.82 6.83 25.11
S SO4 E . 25.23 -29.18 8.75
O1 SO4 E . 25.35 -30.40 9.54
O2 SO4 E . 26.29 -29.14 7.74
O3 SO4 E . 23.94 -29.15 8.10
O4 SO4 E . 25.37 -28.04 9.63
S SO4 F . 16.15 -39.42 4.74
O1 SO4 F . 16.04 -40.47 5.75
O2 SO4 F . 16.38 -40.02 3.43
O3 SO4 F . 14.92 -38.65 4.71
O4 SO4 F . 17.26 -38.54 5.07
#